data_9QSU
#
_entry.id   9QSU
#
_cell.length_a   128.415
_cell.length_b   128.415
_cell.length_c   126.156
_cell.angle_alpha   90.00
_cell.angle_beta   90.00
_cell.angle_gamma   90.00
#
_symmetry.space_group_name_H-M   'P 43 21 2'
#
loop_
_entity.id
_entity.type
_entity.pdbx_description
1 polymer 'Casein kinase II subunit alpha'
2 non-polymer 'SULFATE ION'
3 non-polymer '5-[4-[3-[[4-(2-methoxyphenyl)phenyl]methylamino]propanoylamino]butylamino]benzo[c][2,6]naphthyridine-8-carboxylic acid'
4 water water
#
_entity_poly.entity_id   1
_entity_poly.type   'polypeptide(L)'
_entity_poly.pdbx_seq_one_letter_code
;MHHHHHHSSGVDLGTENLYFQSMSGPVPSRARVYTDVNTHRPREYWDYESHVVEWGNQDDYQLVRKLGRGKYSEVFEAIN
ITNNEKVVVKILKPVKKKKIKREIKILENLRGGPNIITLADIVKDPVSRTPALVFEHVNNTDFKQLYQTLTDYDIRFYMY
EILKALDYCHSMGIMHRDVKPHNVMIDHEHRKLRLIDWGLAEFYHPGQEYNVRVASRYFKGPELLVDYQMYDYSLDMWSL
GCMLASMIFRKEPFFHGHDNYDQLVRIAKVLGTEDLYDYIDKYNIELDPRFNDILGRHSRKRWERFVHSENQHLVSPEAL
DFLDKLLRYDHQSRLTAREAMEHPYFYTVVKDQARMGSS
;
_entity_poly.pdbx_strand_id   A,B
#
loop_
_chem_comp.id
_chem_comp.type
_chem_comp.name
_chem_comp.formula
A1I92 non-polymer '5-[4-[3-[[4-(2-methoxyphenyl)phenyl]methylamino]propanoylamino]butylamino]benzo[c][2,6]naphthyridine-8-carboxylic acid' 'C34 H35 N5 O4'
SO4 non-polymer 'SULFATE ION' 'O4 S -2'
#
# COMPACT_ATOMS: atom_id res chain seq x y z
N GLY A 25 -4.46 33.84 -11.62
CA GLY A 25 -5.60 32.94 -11.52
C GLY A 25 -5.24 31.47 -11.43
N PRO A 26 -6.24 30.59 -11.61
CA PRO A 26 -6.02 29.14 -11.44
C PRO A 26 -5.34 28.53 -12.65
N VAL A 27 -4.23 27.83 -12.41
CA VAL A 27 -3.51 27.01 -13.41
C VAL A 27 -4.51 26.10 -14.11
N PRO A 28 -4.49 25.99 -15.44
CA PRO A 28 -5.50 25.20 -16.14
C PRO A 28 -5.19 23.70 -16.07
N SER A 29 -6.12 22.90 -16.59
CA SER A 29 -5.96 21.46 -16.53
C SER A 29 -6.65 20.77 -17.71
N ARG A 30 -6.10 19.62 -18.11
CA ARG A 30 -6.60 18.80 -19.21
C ARG A 30 -6.77 17.36 -18.72
N ALA A 31 -7.87 16.72 -19.11
CA ALA A 31 -8.01 15.28 -18.94
C ALA A 31 -6.84 14.59 -19.64
N ARG A 32 -6.31 13.52 -19.05
CA ARG A 32 -5.18 12.88 -19.73
C ARG A 32 -5.58 11.73 -20.62
N VAL A 33 -6.86 11.36 -20.63
CA VAL A 33 -7.40 10.47 -21.66
C VAL A 33 -8.66 11.10 -22.22
N TYR A 34 -8.98 10.72 -23.47
CA TYR A 34 -10.19 11.14 -24.18
C TYR A 34 -10.36 12.66 -24.18
N THR A 35 -9.24 13.38 -24.18
CA THR A 35 -9.28 14.83 -24.04
C THR A 35 -10.11 15.47 -25.16
N ASP A 36 -9.86 15.08 -26.40
CA ASP A 36 -10.42 15.77 -27.55
C ASP A 36 -11.51 14.97 -28.26
N VAL A 37 -11.93 13.84 -27.71
CA VAL A 37 -12.93 12.98 -28.30
C VAL A 37 -14.06 13.79 -28.92
N ASN A 38 -14.52 14.82 -28.20
CA ASN A 38 -15.71 15.57 -28.60
C ASN A 38 -15.41 16.53 -29.74
N THR A 39 -14.23 17.14 -29.72
CA THR A 39 -13.87 18.04 -30.80
C THR A 39 -13.87 17.33 -32.15
N HIS A 40 -13.54 16.04 -32.17
CA HIS A 40 -13.52 15.30 -33.43
C HIS A 40 -14.89 14.73 -33.79
N ARG A 41 -15.95 15.21 -33.18
CA ARG A 41 -17.27 14.72 -33.53
C ARG A 41 -18.05 15.77 -34.30
N PRO A 42 -19.13 15.36 -34.98
CA PRO A 42 -20.03 16.37 -35.56
C PRO A 42 -20.64 17.21 -34.46
N ARG A 43 -20.78 18.51 -34.74
CA ARG A 43 -21.41 19.44 -33.80
C ARG A 43 -22.62 18.80 -33.11
N GLU A 44 -23.53 18.19 -33.90
CA GLU A 44 -24.79 17.67 -33.37
C GLU A 44 -24.61 16.62 -32.26
N TYR A 45 -23.40 16.03 -32.13
CA TYR A 45 -23.17 15.03 -31.10
C TYR A 45 -23.20 15.66 -29.71
N TRP A 46 -22.64 16.86 -29.57
CA TRP A 46 -22.47 17.49 -28.27
C TRP A 46 -23.22 18.81 -28.14
N ASP A 47 -23.67 19.39 -29.25
CA ASP A 47 -24.52 20.59 -29.25
C ASP A 47 -25.97 20.20 -28.96
N TYR A 48 -26.19 19.77 -27.70
CA TYR A 48 -27.52 19.29 -27.31
C TYR A 48 -28.56 20.41 -27.34
N GLU A 49 -28.15 21.65 -27.02
CA GLU A 49 -29.06 22.79 -27.03
C GLU A 49 -29.94 22.85 -28.27
N SER A 50 -29.42 22.37 -29.40
CA SER A 50 -30.09 22.43 -30.70
C SER A 50 -30.60 21.08 -31.15
N HIS A 51 -30.83 20.17 -30.21
CA HIS A 51 -31.31 18.83 -30.49
C HIS A 51 -32.85 18.83 -30.47
N VAL A 52 -33.46 18.34 -31.55
CA VAL A 52 -34.92 18.31 -31.64
C VAL A 52 -35.45 17.02 -31.01
N VAL A 53 -36.38 17.17 -30.06
CA VAL A 53 -37.01 16.06 -29.36
C VAL A 53 -38.36 15.76 -29.97
N GLU A 54 -38.73 14.49 -30.03
CA GLU A 54 -40.04 14.05 -30.49
C GLU A 54 -40.76 13.42 -29.30
N TRP A 55 -41.69 14.19 -28.71
CA TRP A 55 -42.37 13.78 -27.48
C TRP A 55 -43.56 12.89 -27.81
N GLY A 56 -43.56 11.68 -27.28
CA GLY A 56 -44.67 10.77 -27.43
C GLY A 56 -45.75 11.03 -26.39
N ASN A 57 -46.64 10.04 -26.25
CA ASN A 57 -47.84 10.17 -25.42
C ASN A 57 -47.70 9.26 -24.20
N GLN A 58 -47.64 9.86 -23.01
CA GLN A 58 -47.39 9.09 -21.80
C GLN A 58 -48.52 8.13 -21.47
N ASP A 59 -49.66 8.23 -22.15
CA ASP A 59 -50.74 7.27 -21.93
C ASP A 59 -50.35 5.88 -22.42
N ASP A 60 -49.46 5.78 -23.40
CA ASP A 60 -48.89 4.49 -23.75
C ASP A 60 -48.36 3.73 -22.52
N TYR A 61 -48.13 4.42 -21.40
CA TYR A 61 -47.68 3.84 -20.15
C TYR A 61 -48.68 4.17 -19.07
N GLN A 62 -48.90 3.22 -18.15
CA GLN A 62 -49.88 3.36 -17.09
C GLN A 62 -49.13 3.24 -15.77
N LEU A 63 -49.24 4.26 -14.94
CA LEU A 63 -48.45 4.26 -13.71
C LEU A 63 -48.98 3.20 -12.75
N VAL A 64 -48.07 2.44 -12.16
CA VAL A 64 -48.44 1.46 -11.17
C VAL A 64 -48.29 2.02 -9.76
N ARG A 65 -47.10 2.54 -9.43
CA ARG A 65 -46.82 3.04 -8.09
C ARG A 65 -45.61 3.96 -8.14
N LYS A 66 -45.48 4.79 -7.10
CA LYS A 66 -44.33 5.66 -6.93
C LYS A 66 -43.18 4.83 -6.36
N LEU A 67 -41.99 5.01 -6.93
CA LEU A 67 -40.78 4.33 -6.48
C LEU A 67 -39.76 5.26 -5.84
N GLY A 68 -39.66 6.50 -6.27
CA GLY A 68 -38.82 7.48 -5.61
C GLY A 68 -39.15 8.90 -6.01
N ARG A 69 -38.92 9.81 -5.09
CA ARG A 69 -38.91 11.24 -5.39
C ARG A 69 -37.48 11.72 -5.22
N GLY A 70 -37.01 12.53 -6.17
CA GLY A 70 -35.68 13.12 -6.10
C GLY A 70 -35.73 14.63 -6.03
N LYS A 71 -34.56 15.29 -6.12
CA LYS A 71 -34.56 16.75 -6.19
C LYS A 71 -35.05 17.23 -7.55
N TYR A 72 -34.75 16.48 -8.62
CA TYR A 72 -35.01 16.90 -9.99
C TYR A 72 -36.07 16.06 -10.71
N SER A 73 -36.60 15.02 -10.08
CA SER A 73 -37.40 14.05 -10.82
C SER A 73 -38.30 13.29 -9.85
N GLU A 74 -39.28 12.60 -10.43
CA GLU A 74 -40.14 11.66 -9.71
C GLU A 74 -40.26 10.41 -10.56
N VAL A 75 -39.94 9.25 -9.97
CA VAL A 75 -39.89 7.99 -10.70
C VAL A 75 -41.07 7.10 -10.30
N PHE A 76 -41.67 6.43 -11.28
CA PHE A 76 -42.85 5.58 -11.11
C PHE A 76 -42.65 4.26 -11.85
N GLU A 77 -43.15 3.18 -11.29
CA GLU A 77 -43.26 1.96 -12.07
C GLU A 77 -44.47 2.09 -12.99
N ALA A 78 -44.35 1.66 -14.24
CA ALA A 78 -45.45 1.74 -15.19
C ALA A 78 -45.46 0.50 -16.07
N ILE A 79 -46.60 0.25 -16.71
CA ILE A 79 -46.76 -0.84 -17.68
C ILE A 79 -46.90 -0.23 -19.07
N ASN A 80 -46.17 -0.78 -20.04
CA ASN A 80 -46.34 -0.45 -21.45
C ASN A 80 -47.56 -1.20 -21.98
N ILE A 81 -48.66 -0.48 -22.25
CA ILE A 81 -49.93 -1.14 -22.49
C ILE A 81 -49.99 -1.86 -23.82
N THR A 82 -49.02 -1.64 -24.70
CA THR A 82 -49.00 -2.35 -25.97
C THR A 82 -48.53 -3.80 -25.80
N ASN A 83 -47.52 -4.05 -24.94
CA ASN A 83 -47.02 -5.42 -24.78
C ASN A 83 -46.96 -5.88 -23.33
N ASN A 84 -47.65 -5.20 -22.42
CA ASN A 84 -47.78 -5.62 -21.02
C ASN A 84 -46.43 -5.63 -20.30
N GLU A 85 -45.43 -4.95 -20.86
CA GLU A 85 -44.05 -4.97 -20.39
C GLU A 85 -43.83 -3.95 -19.27
N LYS A 86 -43.00 -4.32 -18.30
CA LYS A 86 -42.73 -3.51 -17.11
C LYS A 86 -41.64 -2.49 -17.40
N VAL A 87 -41.86 -1.26 -16.97
CA VAL A 87 -41.08 -0.11 -17.40
C VAL A 87 -40.97 0.85 -16.22
N VAL A 88 -40.18 1.91 -16.36
CA VAL A 88 -40.05 2.89 -15.29
C VAL A 88 -40.18 4.29 -15.93
N VAL A 89 -41.03 5.15 -15.35
CA VAL A 89 -41.29 6.48 -15.89
C VAL A 89 -40.71 7.52 -14.94
N LYS A 90 -39.90 8.43 -15.49
CA LYS A 90 -39.23 9.47 -14.69
C LYS A 90 -39.81 10.82 -15.09
N ILE A 91 -40.61 11.40 -14.22
CA ILE A 91 -41.28 12.65 -14.53
C ILE A 91 -40.41 13.80 -14.06
N LEU A 92 -39.95 14.61 -15.00
CA LEU A 92 -38.91 15.59 -14.77
C LEU A 92 -39.47 16.82 -14.05
N LYS A 93 -38.95 17.08 -12.85
CA LYS A 93 -39.29 18.29 -12.13
C LYS A 93 -38.72 19.50 -12.88
N PRO A 94 -39.39 20.68 -12.79
CA PRO A 94 -39.12 21.77 -13.73
C PRO A 94 -37.71 22.33 -13.71
N VAL A 95 -36.99 22.15 -14.81
CA VAL A 95 -35.65 22.70 -14.99
C VAL A 95 -35.64 23.50 -16.30
N LYS A 96 -34.52 24.17 -16.56
CA LYS A 96 -34.31 24.80 -17.86
C LYS A 96 -34.42 23.74 -18.95
N LYS A 97 -35.02 24.10 -20.08
CA LYS A 97 -35.19 23.13 -21.16
C LYS A 97 -33.86 22.58 -21.66
N LYS A 98 -32.76 23.33 -21.48
CA LYS A 98 -31.43 22.83 -21.83
C LYS A 98 -31.10 21.53 -21.10
N LYS A 99 -31.38 21.44 -19.79
CA LYS A 99 -30.92 20.30 -19.01
C LYS A 99 -31.72 19.03 -19.30
N ILE A 100 -32.87 19.19 -19.95
CA ILE A 100 -33.63 18.05 -20.42
C ILE A 100 -33.05 17.55 -21.74
N LYS A 101 -32.78 18.47 -22.67
CA LYS A 101 -32.12 18.09 -23.90
C LYS A 101 -30.75 17.49 -23.62
N ARG A 102 -30.03 18.05 -22.65
CA ARG A 102 -28.75 17.48 -22.26
C ARG A 102 -28.88 16.01 -21.88
N GLU A 103 -29.71 15.72 -20.87
CA GLU A 103 -29.87 14.34 -20.41
C GLU A 103 -30.32 13.43 -21.54
N ILE A 104 -31.33 13.86 -22.31
CA ILE A 104 -31.83 13.05 -23.40
C ILE A 104 -30.71 12.76 -24.39
N LYS A 105 -30.05 13.81 -24.90
CA LYS A 105 -28.98 13.61 -25.88
C LYS A 105 -27.89 12.69 -25.35
N ILE A 106 -27.51 12.80 -24.06
CA ILE A 106 -26.48 11.92 -23.52
C ILE A 106 -26.95 10.47 -23.50
N LEU A 107 -28.23 10.25 -23.15
CA LEU A 107 -28.78 8.88 -23.15
C LEU A 107 -28.80 8.32 -24.55
N GLU A 108 -29.21 9.12 -25.56
CA GLU A 108 -29.15 8.63 -26.94
C GLU A 108 -27.72 8.30 -27.34
N ASN A 109 -26.75 9.12 -26.92
CA ASN A 109 -25.37 8.86 -27.33
C ASN A 109 -24.81 7.60 -26.69
N LEU A 110 -25.21 7.33 -25.44
CA LEU A 110 -24.78 6.17 -24.66
C LEU A 110 -25.63 4.92 -24.88
N ARG A 111 -26.66 4.98 -25.71
CA ARG A 111 -27.56 3.83 -25.82
C ARG A 111 -26.81 2.57 -26.23
N GLY A 112 -27.09 1.47 -25.55
CA GLY A 112 -26.40 0.23 -25.85
C GLY A 112 -24.97 0.14 -25.35
N GLY A 113 -24.49 1.13 -24.60
CA GLY A 113 -23.23 1.00 -23.92
C GLY A 113 -23.30 -0.04 -22.83
N PRO A 114 -22.17 -0.66 -22.49
CA PRO A 114 -22.19 -1.72 -21.47
C PRO A 114 -22.58 -1.15 -20.11
N ASN A 115 -23.65 -1.69 -19.54
CA ASN A 115 -24.12 -1.31 -18.20
C ASN A 115 -24.66 0.11 -18.08
N ILE A 116 -24.89 0.81 -19.19
CA ILE A 116 -25.65 2.06 -19.14
C ILE A 116 -27.14 1.72 -19.10
N ILE A 117 -27.93 2.50 -18.35
CA ILE A 117 -29.38 2.34 -18.41
C ILE A 117 -29.82 2.68 -19.83
N THR A 118 -30.90 2.06 -20.29
CA THR A 118 -31.41 2.28 -21.64
C THR A 118 -32.63 3.20 -21.59
N LEU A 119 -32.61 4.26 -22.41
CA LEU A 119 -33.78 5.13 -22.53
C LEU A 119 -34.74 4.46 -23.49
N ALA A 120 -35.92 4.10 -22.99
CA ALA A 120 -36.88 3.36 -23.80
C ALA A 120 -37.70 4.29 -24.68
N ASP A 121 -38.06 5.46 -24.15
CA ASP A 121 -39.01 6.34 -24.83
C ASP A 121 -39.02 7.67 -24.11
N ILE A 122 -39.54 8.68 -24.81
CA ILE A 122 -39.62 10.06 -24.34
C ILE A 122 -41.05 10.55 -24.58
N VAL A 123 -41.72 11.02 -23.54
CA VAL A 123 -43.16 11.27 -23.61
C VAL A 123 -43.53 12.51 -22.79
N LYS A 124 -44.75 12.98 -23.03
CA LYS A 124 -45.38 14.04 -22.25
C LYS A 124 -46.77 13.56 -21.89
N ASP A 125 -47.16 13.73 -20.63
CA ASP A 125 -48.55 13.53 -20.28
C ASP A 125 -49.42 14.45 -21.14
N PRO A 126 -50.47 13.94 -21.79
CA PRO A 126 -51.22 14.81 -22.72
C PRO A 126 -51.98 15.93 -22.04
N VAL A 127 -52.47 15.76 -20.81
CA VAL A 127 -53.21 16.86 -20.18
C VAL A 127 -52.28 17.78 -19.39
N SER A 128 -51.17 17.27 -18.85
CA SER A 128 -50.31 18.07 -18.01
C SER A 128 -49.13 18.68 -18.75
N ARG A 129 -48.61 17.99 -19.77
CA ARG A 129 -47.54 18.42 -20.67
C ARG A 129 -46.17 18.44 -19.99
N THR A 130 -46.04 17.91 -18.75
CA THR A 130 -44.73 17.89 -18.10
C THR A 130 -43.91 16.75 -18.68
N PRO A 131 -42.65 16.99 -19.03
CA PRO A 131 -41.89 16.00 -19.81
C PRO A 131 -41.44 14.82 -18.94
N ALA A 132 -41.34 13.64 -19.56
CA ALA A 132 -40.96 12.46 -18.80
C ALA A 132 -40.15 11.54 -19.68
N LEU A 133 -39.22 10.82 -19.06
CA LEU A 133 -38.37 9.82 -19.70
C LEU A 133 -38.78 8.43 -19.25
N VAL A 134 -38.74 7.47 -20.17
CA VAL A 134 -39.12 6.09 -19.85
C VAL A 134 -37.88 5.22 -19.93
N PHE A 135 -37.64 4.41 -18.90
CA PHE A 135 -36.44 3.57 -18.84
C PHE A 135 -36.80 2.09 -18.72
N GLU A 136 -35.76 1.25 -18.89
CA GLU A 136 -35.91 -0.18 -18.64
C GLU A 136 -35.98 -0.44 -17.16
N HIS A 137 -36.74 -1.46 -16.79
CA HIS A 137 -36.84 -1.85 -15.39
C HIS A 137 -35.74 -2.84 -15.01
N VAL A 138 -35.14 -2.61 -13.85
CA VAL A 138 -34.13 -3.49 -13.29
C VAL A 138 -34.69 -4.04 -12.00
N ASN A 139 -34.65 -5.36 -11.84
CA ASN A 139 -35.05 -5.88 -10.53
C ASN A 139 -33.96 -5.60 -9.50
N ASN A 140 -34.36 -5.00 -8.39
CA ASN A 140 -33.43 -4.54 -7.37
C ASN A 140 -33.37 -5.52 -6.21
N THR A 141 -32.16 -6.04 -5.94
CA THR A 141 -31.96 -6.89 -4.77
C THR A 141 -31.99 -6.03 -3.52
N ASP A 142 -32.79 -6.44 -2.54
CA ASP A 142 -32.85 -5.77 -1.25
C ASP A 142 -31.44 -5.47 -0.74
N PHE A 143 -31.31 -4.32 -0.08
CA PHE A 143 -30.00 -3.93 0.45
C PHE A 143 -29.59 -4.80 1.64
N LYS A 144 -30.56 -5.32 2.41
CA LYS A 144 -30.30 -6.22 3.53
C LYS A 144 -30.09 -7.67 3.09
N GLN A 145 -30.35 -7.99 1.81
CA GLN A 145 -29.93 -9.26 1.22
C GLN A 145 -28.57 -9.14 0.55
N LEU A 146 -28.21 -7.93 0.09
CA LEU A 146 -26.91 -7.67 -0.52
C LEU A 146 -25.82 -7.51 0.53
N TYR A 147 -26.01 -6.56 1.47
CA TYR A 147 -25.00 -6.24 2.47
C TYR A 147 -24.58 -7.47 3.30
N GLN A 148 -25.53 -8.34 3.65
CA GLN A 148 -25.25 -9.43 4.58
C GLN A 148 -24.28 -10.44 3.98
N THR A 149 -24.62 -10.99 2.82
CA THR A 149 -23.79 -12.01 2.16
C THR A 149 -22.97 -11.40 1.03
N LEU A 150 -22.28 -10.30 1.32
CA LEU A 150 -21.31 -9.76 0.38
C LEU A 150 -19.98 -10.46 0.61
N THR A 151 -19.50 -11.13 -0.43
CA THR A 151 -18.19 -11.76 -0.46
C THR A 151 -17.15 -10.73 -0.87
N ASP A 152 -15.88 -11.13 -0.78
CA ASP A 152 -14.84 -10.30 -1.38
C ASP A 152 -14.95 -10.34 -2.90
N TYR A 153 -15.43 -11.45 -3.45
CA TYR A 153 -15.58 -11.58 -4.89
C TYR A 153 -16.71 -10.70 -5.42
N ASP A 154 -17.81 -10.57 -4.67
CA ASP A 154 -18.93 -9.76 -5.13
C ASP A 154 -18.53 -8.31 -5.26
N ILE A 155 -17.71 -7.81 -4.35
CA ILE A 155 -17.29 -6.42 -4.45
C ILE A 155 -16.42 -6.22 -5.67
N ARG A 156 -15.48 -7.15 -5.94
CA ARG A 156 -14.66 -7.00 -7.13
C ARG A 156 -15.49 -7.14 -8.40
N PHE A 157 -16.48 -8.04 -8.41
CA PHE A 157 -17.22 -8.28 -9.65
C PHE A 157 -17.99 -7.04 -10.10
N TYR A 158 -18.76 -6.44 -9.19
CA TYR A 158 -19.59 -5.29 -9.56
C TYR A 158 -18.76 -4.02 -9.70
N MET A 159 -17.71 -3.85 -8.88
CA MET A 159 -16.76 -2.78 -9.13
C MET A 159 -16.24 -2.84 -10.57
N TYR A 160 -15.86 -4.03 -11.03
CA TYR A 160 -15.46 -4.17 -12.42
C TYR A 160 -16.58 -3.76 -13.37
N GLU A 161 -17.84 -4.11 -13.05
CA GLU A 161 -18.95 -3.74 -13.92
C GLU A 161 -19.18 -2.22 -13.97
N ILE A 162 -19.03 -1.52 -12.82
CA ILE A 162 -19.21 -0.06 -12.85
C ILE A 162 -18.15 0.57 -13.71
N LEU A 163 -16.92 0.04 -13.65
CA LEU A 163 -15.82 0.60 -14.44
C LEU A 163 -16.04 0.38 -15.94
N LYS A 164 -16.71 -0.70 -16.33
CA LYS A 164 -17.11 -0.84 -17.73
C LYS A 164 -18.00 0.33 -18.16
N ALA A 165 -19.00 0.66 -17.35
CA ALA A 165 -19.89 1.75 -17.71
C ALA A 165 -19.15 3.07 -17.71
N LEU A 166 -18.23 3.25 -16.76
CA LEU A 166 -17.55 4.54 -16.61
C LEU A 166 -16.51 4.74 -17.69
N ASP A 167 -15.69 3.72 -17.96
CA ASP A 167 -14.74 3.83 -19.07
C ASP A 167 -15.44 4.04 -20.40
N TYR A 168 -16.63 3.47 -20.58
CA TYR A 168 -17.36 3.68 -21.84
C TYR A 168 -17.78 5.14 -22.00
N CYS A 169 -18.51 5.67 -21.02
CA CYS A 169 -19.04 7.02 -21.20
C CYS A 169 -17.91 8.05 -21.25
N HIS A 170 -16.84 7.84 -20.47
CA HIS A 170 -15.64 8.68 -20.62
C HIS A 170 -15.10 8.60 -22.03
N SER A 171 -14.99 7.38 -22.58
CA SER A 171 -14.52 7.23 -23.96
C SER A 171 -15.44 7.92 -24.95
N MET A 172 -16.71 8.09 -24.61
CA MET A 172 -17.62 8.83 -25.45
C MET A 172 -17.68 10.31 -25.09
N GLY A 173 -16.73 10.81 -24.28
CA GLY A 173 -16.64 12.21 -23.99
C GLY A 173 -17.72 12.72 -23.06
N ILE A 174 -18.18 11.88 -22.13
CA ILE A 174 -19.21 12.25 -21.17
C ILE A 174 -18.68 11.98 -19.76
N MET A 175 -19.09 12.83 -18.81
CA MET A 175 -18.84 12.65 -17.38
C MET A 175 -20.18 12.35 -16.71
N HIS A 176 -20.19 11.49 -15.69
CA HIS A 176 -21.48 11.20 -15.06
C HIS A 176 -21.80 12.25 -14.01
N ARG A 177 -20.84 12.56 -13.17
CA ARG A 177 -20.83 13.65 -12.20
C ARG A 177 -21.70 13.38 -10.97
N ASP A 178 -22.44 12.28 -10.92
CA ASP A 178 -23.27 11.99 -9.76
C ASP A 178 -23.18 10.49 -9.44
N VAL A 179 -21.96 9.95 -9.36
CA VAL A 179 -21.79 8.53 -9.06
C VAL A 179 -21.97 8.33 -7.56
N LYS A 180 -23.01 7.59 -7.18
CA LYS A 180 -23.25 7.27 -5.78
C LYS A 180 -24.08 5.99 -5.74
N PRO A 181 -24.19 5.34 -4.56
CA PRO A 181 -24.96 4.08 -4.50
C PRO A 181 -26.36 4.18 -5.07
N HIS A 182 -27.06 5.27 -4.78
CA HIS A 182 -28.42 5.45 -5.27
C HIS A 182 -28.52 5.23 -6.78
N ASN A 183 -27.48 5.59 -7.54
CA ASN A 183 -27.52 5.56 -9.01
C ASN A 183 -26.83 4.34 -9.59
N VAL A 184 -26.59 3.29 -8.81
CA VAL A 184 -26.09 2.03 -9.32
C VAL A 184 -27.08 0.96 -8.92
N MET A 185 -27.75 0.36 -9.91
CA MET A 185 -28.82 -0.62 -9.70
C MET A 185 -28.30 -2.01 -10.01
N ILE A 186 -28.56 -2.98 -9.13
CA ILE A 186 -27.96 -4.30 -9.24
C ILE A 186 -29.03 -5.36 -9.13
N ASP A 187 -29.08 -6.24 -10.12
CA ASP A 187 -29.93 -7.43 -10.13
C ASP A 187 -29.02 -8.62 -9.85
N HIS A 188 -28.86 -8.96 -8.56
CA HIS A 188 -27.88 -9.98 -8.19
C HIS A 188 -28.24 -11.33 -8.79
N GLU A 189 -29.53 -11.66 -8.92
CA GLU A 189 -29.90 -12.97 -9.46
C GLU A 189 -29.35 -13.14 -10.88
N HIS A 190 -29.30 -12.07 -11.66
CA HIS A 190 -28.77 -12.14 -13.02
C HIS A 190 -27.36 -11.60 -13.13
N ARG A 191 -26.78 -11.15 -12.01
CA ARG A 191 -25.42 -10.58 -11.95
C ARG A 191 -25.25 -9.50 -13.01
N LYS A 192 -26.21 -8.58 -13.05
CA LYS A 192 -26.18 -7.47 -13.97
C LYS A 192 -26.40 -6.16 -13.21
N LEU A 193 -25.69 -5.14 -13.66
CA LEU A 193 -25.64 -3.83 -13.03
C LEU A 193 -25.98 -2.78 -14.08
N ARG A 194 -26.39 -1.60 -13.61
CA ARG A 194 -26.83 -0.53 -14.51
C ARG A 194 -26.50 0.79 -13.84
N LEU A 195 -25.83 1.69 -14.56
CA LEU A 195 -25.59 3.03 -14.05
C LEU A 195 -26.76 3.90 -14.47
N ILE A 196 -27.49 4.45 -13.48
CA ILE A 196 -28.66 5.26 -13.80
C ILE A 196 -28.48 6.74 -13.48
N ASP A 197 -29.57 7.51 -13.63
CA ASP A 197 -29.68 8.96 -13.49
C ASP A 197 -28.55 9.74 -14.13
N TRP A 198 -28.74 10.11 -15.40
CA TRP A 198 -27.77 10.89 -16.17
C TRP A 198 -28.14 12.36 -16.23
N GLY A 199 -29.00 12.81 -15.32
CA GLY A 199 -29.45 14.19 -15.30
C GLY A 199 -28.39 15.20 -14.90
N LEU A 200 -27.26 14.76 -14.39
CA LEU A 200 -26.17 15.67 -14.05
C LEU A 200 -24.98 15.55 -14.99
N ALA A 201 -25.04 14.63 -15.96
CA ALA A 201 -23.91 14.39 -16.84
C ALA A 201 -23.69 15.52 -17.84
N GLU A 202 -22.44 15.72 -18.26
CA GLU A 202 -22.04 16.78 -19.18
C GLU A 202 -21.05 16.21 -20.20
N PHE A 203 -20.87 16.93 -21.29
CA PHE A 203 -19.83 16.60 -22.26
C PHE A 203 -18.52 17.21 -21.80
N TYR A 204 -17.42 16.47 -21.97
CA TYR A 204 -16.13 17.01 -21.61
C TYR A 204 -15.54 17.78 -22.79
N HIS A 205 -15.13 19.03 -22.55
CA HIS A 205 -14.46 19.85 -23.56
C HIS A 205 -13.21 20.45 -22.92
N PRO A 206 -12.02 20.25 -23.49
CA PRO A 206 -10.82 20.79 -22.84
C PRO A 206 -10.92 22.30 -22.67
N GLY A 207 -10.69 22.76 -21.43
CA GLY A 207 -10.70 24.16 -21.08
C GLY A 207 -12.01 24.69 -20.50
N GLN A 208 -13.11 23.93 -20.60
CA GLN A 208 -14.38 24.39 -20.07
C GLN A 208 -14.33 24.42 -18.55
N GLU A 209 -14.86 25.49 -17.97
CA GLU A 209 -14.98 25.61 -16.51
C GLU A 209 -16.39 25.20 -16.12
N TYR A 210 -16.51 24.21 -15.24
CA TYR A 210 -17.79 23.57 -14.95
C TYR A 210 -18.34 24.01 -13.59
N ASN A 211 -19.62 23.71 -13.38
CA ASN A 211 -20.28 24.02 -12.12
C ASN A 211 -19.83 23.01 -11.06
N VAL A 212 -19.31 23.50 -9.93
CA VAL A 212 -18.84 22.60 -8.89
C VAL A 212 -19.97 22.08 -8.01
N ARG A 213 -21.12 22.75 -7.96
CA ARG A 213 -22.20 22.33 -7.07
C ARG A 213 -23.02 21.20 -7.70
N VAL A 214 -22.35 20.06 -7.91
CA VAL A 214 -22.97 18.82 -8.38
C VAL A 214 -22.57 17.68 -7.45
N ALA A 215 -23.12 16.48 -7.73
CA ALA A 215 -22.97 15.24 -6.95
C ALA A 215 -23.50 15.36 -5.52
N SER A 216 -23.54 14.24 -4.80
CA SER A 216 -23.96 14.26 -3.40
C SER A 216 -22.79 14.46 -2.46
N ARG A 217 -23.06 15.16 -1.36
CA ARG A 217 -22.02 15.75 -0.51
C ARG A 217 -20.92 14.75 -0.14
N TYR A 218 -21.30 13.54 0.29
CA TYR A 218 -20.30 12.55 0.71
C TYR A 218 -19.38 12.12 -0.44
N PHE A 219 -19.82 12.24 -1.68
CA PHE A 219 -19.08 11.74 -2.84
C PHE A 219 -18.47 12.84 -3.68
N LYS A 220 -18.42 14.06 -3.17
CA LYS A 220 -17.84 15.17 -3.92
C LYS A 220 -16.32 15.09 -3.83
N GLY A 221 -15.67 14.94 -4.98
CA GLY A 221 -14.24 15.07 -5.06
C GLY A 221 -13.76 16.38 -4.46
N PRO A 222 -12.50 16.42 -4.04
CA PRO A 222 -11.99 17.68 -3.48
C PRO A 222 -12.01 18.81 -4.48
N GLU A 223 -12.03 18.54 -5.78
CA GLU A 223 -12.02 19.64 -6.74
C GLU A 223 -13.27 20.47 -6.61
N LEU A 224 -14.43 19.82 -6.46
CA LEU A 224 -15.65 20.56 -6.16
C LEU A 224 -15.55 21.28 -4.82
N LEU A 225 -15.04 20.60 -3.79
CA LEU A 225 -15.07 21.19 -2.46
C LEU A 225 -14.23 22.46 -2.36
N VAL A 226 -13.27 22.68 -3.26
CA VAL A 226 -12.44 23.89 -3.29
C VAL A 226 -12.78 24.83 -4.44
N ASP A 227 -13.77 24.49 -5.27
CA ASP A 227 -14.18 25.32 -6.41
C ASP A 227 -13.06 25.39 -7.44
N TYR A 228 -12.46 24.25 -7.75
CA TYR A 228 -11.64 24.13 -8.96
C TYR A 228 -12.55 23.66 -10.09
N GLN A 229 -12.80 24.55 -11.06
CA GLN A 229 -13.89 24.33 -12.02
C GLN A 229 -13.47 23.58 -13.28
N MET A 230 -12.18 23.47 -13.55
CA MET A 230 -11.71 22.83 -14.78
C MET A 230 -11.48 21.33 -14.58
N TYR A 231 -12.46 20.63 -14.04
CA TYR A 231 -12.29 19.22 -13.75
C TYR A 231 -12.61 18.38 -14.99
N ASP A 232 -12.61 17.05 -14.84
CA ASP A 232 -12.80 16.18 -15.98
C ASP A 232 -13.38 14.85 -15.51
N TYR A 233 -13.19 13.80 -16.31
CA TYR A 233 -13.74 12.49 -15.99
C TYR A 233 -13.28 11.99 -14.62
N SER A 234 -12.02 12.28 -14.26
CA SER A 234 -11.46 11.79 -13.00
C SER A 234 -12.31 12.18 -11.77
N LEU A 235 -13.17 13.19 -11.89
CA LEU A 235 -14.20 13.44 -10.87
C LEU A 235 -15.01 12.18 -10.57
N ASP A 236 -15.43 11.48 -11.62
CA ASP A 236 -16.16 10.22 -11.47
C ASP A 236 -15.30 9.14 -10.82
N MET A 237 -13.99 9.25 -10.84
CA MET A 237 -13.20 8.21 -10.20
C MET A 237 -12.98 8.48 -8.72
N TRP A 238 -13.08 9.73 -8.28
CA TRP A 238 -13.08 9.97 -6.85
C TRP A 238 -14.32 9.36 -6.21
N SER A 239 -15.49 9.63 -6.81
CA SER A 239 -16.76 9.09 -6.30
C SER A 239 -16.70 7.60 -6.15
N LEU A 240 -16.09 6.92 -7.14
CA LEU A 240 -16.04 5.47 -7.11
C LEU A 240 -15.14 4.97 -6.00
N GLY A 241 -14.01 5.64 -5.77
CA GLY A 241 -13.20 5.30 -4.61
C GLY A 241 -13.93 5.50 -3.30
N CYS A 242 -14.72 6.56 -3.19
CA CYS A 242 -15.58 6.77 -2.03
C CYS A 242 -16.49 5.59 -1.80
N MET A 243 -17.06 5.04 -2.87
CA MET A 243 -17.88 3.84 -2.75
C MET A 243 -17.05 2.64 -2.32
N LEU A 244 -15.84 2.50 -2.86
CA LEU A 244 -15.01 1.34 -2.54
C LEU A 244 -14.61 1.34 -1.07
N ALA A 245 -14.19 2.49 -0.54
CA ALA A 245 -13.93 2.58 0.90
C ALA A 245 -15.18 2.23 1.70
N SER A 246 -16.33 2.79 1.30
CA SER A 246 -17.58 2.55 2.03
C SER A 246 -17.90 1.06 2.15
N MET A 247 -17.52 0.27 1.16
CA MET A 247 -17.90 -1.14 1.13
C MET A 247 -16.89 -2.03 1.85
N ILE A 248 -15.58 -1.85 1.62
CA ILE A 248 -14.63 -2.77 2.23
C ILE A 248 -14.37 -2.46 3.70
N PHE A 249 -14.62 -1.24 4.15
CA PHE A 249 -14.45 -0.93 5.55
C PHE A 249 -15.74 -1.07 6.35
N ARG A 250 -16.85 -1.41 5.69
CA ARG A 250 -18.18 -1.51 6.31
C ARG A 250 -18.48 -0.23 7.07
N LYS A 251 -18.28 0.89 6.38
CA LYS A 251 -18.56 2.24 6.88
C LYS A 251 -19.31 2.99 5.80
N GLU A 252 -20.57 3.34 6.07
CA GLU A 252 -21.40 3.99 5.07
C GLU A 252 -21.90 5.32 5.62
N PRO A 253 -21.46 6.48 5.08
CA PRO A 253 -20.47 6.69 4.04
C PRO A 253 -19.07 6.63 4.63
N PHE A 254 -18.04 6.72 3.80
CA PHE A 254 -16.70 6.70 4.38
C PHE A 254 -16.30 8.09 4.89
N PHE A 255 -16.49 9.13 4.06
CA PHE A 255 -16.22 10.52 4.43
C PHE A 255 -17.54 11.18 4.80
N HIS A 256 -17.83 11.29 6.10
CA HIS A 256 -19.17 11.57 6.61
C HIS A 256 -19.23 13.00 7.16
N GLY A 257 -19.27 13.97 6.26
CA GLY A 257 -19.23 15.37 6.66
C GLY A 257 -20.60 15.99 6.91
N HIS A 258 -20.64 16.96 7.83
CA HIS A 258 -21.90 17.64 8.14
C HIS A 258 -22.33 18.57 7.00
N ASP A 259 -21.38 19.19 6.30
CA ASP A 259 -21.70 20.11 5.21
C ASP A 259 -20.57 20.07 4.18
N ASN A 260 -20.69 20.90 3.13
CA ASN A 260 -19.70 20.90 2.07
C ASN A 260 -18.32 21.36 2.54
N TYR A 261 -18.25 22.10 3.65
CA TYR A 261 -16.96 22.54 4.17
C TYR A 261 -16.34 21.47 5.05
N ASP A 262 -17.10 20.95 6.02
CA ASP A 262 -16.64 19.84 6.86
C ASP A 262 -16.30 18.61 6.04
N GLN A 263 -16.82 18.49 4.83
CA GLN A 263 -16.51 17.35 3.99
C GLN A 263 -15.00 17.30 3.69
N LEU A 264 -14.42 18.46 3.41
CA LEU A 264 -12.98 18.50 3.17
C LEU A 264 -12.21 18.19 4.43
N VAL A 265 -12.70 18.66 5.58
CA VAL A 265 -12.05 18.35 6.85
C VAL A 265 -12.12 16.85 7.13
N ARG A 266 -13.28 16.24 6.86
CA ARG A 266 -13.40 14.80 7.01
C ARG A 266 -12.41 14.06 6.12
N ILE A 267 -12.28 14.51 4.86
CA ILE A 267 -11.30 13.94 3.93
C ILE A 267 -9.87 14.19 4.40
N ALA A 268 -9.59 15.43 4.79
CA ALA A 268 -8.22 15.80 5.14
C ALA A 268 -7.70 15.03 6.35
N LYS A 269 -8.60 14.62 7.26
CA LYS A 269 -8.11 13.86 8.40
C LYS A 269 -7.67 12.44 8.01
N VAL A 270 -8.02 11.97 6.81
CA VAL A 270 -7.57 10.67 6.29
C VAL A 270 -6.40 10.83 5.31
N LEU A 271 -6.61 11.61 4.25
CA LEU A 271 -5.56 11.83 3.25
C LEU A 271 -4.43 12.73 3.74
N GLY A 272 -4.59 13.41 4.88
CA GLY A 272 -3.57 14.31 5.39
C GLY A 272 -3.71 15.72 4.83
N THR A 273 -3.17 16.68 5.58
CA THR A 273 -3.23 18.06 5.12
C THR A 273 -2.10 18.42 4.16
N GLU A 274 -1.00 17.67 4.18
CA GLU A 274 0.15 18.02 3.35
C GLU A 274 -0.17 17.95 1.86
N ASP A 275 -0.65 16.79 1.37
CA ASP A 275 -0.97 16.69 -0.05
C ASP A 275 -2.02 17.71 -0.46
N LEU A 276 -2.88 18.13 0.47
CA LEU A 276 -3.91 19.12 0.17
C LEU A 276 -3.31 20.45 -0.23
N TYR A 277 -2.43 20.99 0.62
CA TYR A 277 -1.87 22.30 0.31
C TYR A 277 -0.92 22.25 -0.87
N ASP A 278 -0.27 21.11 -1.12
CA ASP A 278 0.48 20.99 -2.37
C ASP A 278 -0.48 21.00 -3.57
N TYR A 279 -1.62 20.32 -3.43
CA TYR A 279 -2.68 20.39 -4.42
C TYR A 279 -3.14 21.84 -4.62
N ILE A 280 -3.39 22.54 -3.51
CA ILE A 280 -3.80 23.94 -3.60
C ILE A 280 -2.74 24.76 -4.32
N ASP A 281 -1.47 24.54 -3.99
CA ASP A 281 -0.39 25.31 -4.62
C ASP A 281 -0.24 24.97 -6.10
N LYS A 282 -0.30 23.68 -6.46
CA LYS A 282 0.04 23.30 -7.84
C LYS A 282 -0.93 23.93 -8.82
N TYR A 283 -2.20 24.01 -8.47
CA TYR A 283 -3.20 24.67 -9.29
C TYR A 283 -3.48 26.10 -8.86
N ASN A 284 -2.72 26.61 -7.90
CA ASN A 284 -2.92 27.95 -7.35
C ASN A 284 -4.40 28.21 -7.05
N ILE A 285 -5.07 27.19 -6.49
CA ILE A 285 -6.44 27.38 -6.04
C ILE A 285 -6.47 28.42 -4.94
N GLU A 286 -7.18 29.51 -5.16
CA GLU A 286 -7.51 30.41 -4.07
C GLU A 286 -8.56 29.73 -3.20
N LEU A 287 -8.21 29.48 -1.95
CA LEU A 287 -9.02 28.67 -1.05
C LEU A 287 -9.87 29.56 -0.15
N ASP A 288 -11.10 29.14 0.08
CA ASP A 288 -12.08 29.97 0.78
C ASP A 288 -11.57 30.33 2.17
N PRO A 289 -11.61 31.60 2.58
CA PRO A 289 -11.13 31.97 3.94
C PRO A 289 -11.88 31.26 5.05
N ARG A 290 -13.01 30.59 4.75
CA ARG A 290 -13.66 29.73 5.73
C ARG A 290 -12.80 28.52 6.08
N PHE A 291 -11.99 28.06 5.12
CA PHE A 291 -11.22 26.83 5.29
C PHE A 291 -9.95 27.01 6.12
N ASN A 292 -9.45 28.24 6.24
CA ASN A 292 -8.17 28.47 6.90
C ASN A 292 -8.11 27.84 8.28
N ASP A 293 -9.09 28.15 9.13
CA ASP A 293 -9.04 27.81 10.55
C ASP A 293 -10.00 26.67 10.92
N ILE A 294 -10.02 25.60 10.12
CA ILE A 294 -10.95 24.49 10.37
C ILE A 294 -10.33 23.16 9.94
N LEU A 295 -9.54 23.18 8.86
CA LEU A 295 -8.76 22.01 8.45
C LEU A 295 -7.72 21.67 9.50
N GLY A 296 -6.58 22.34 9.46
CA GLY A 296 -5.60 22.17 10.51
C GLY A 296 -4.34 21.50 10.00
N ARG A 297 -3.64 20.79 10.88
CA ARG A 297 -2.49 19.97 10.53
C ARG A 297 -2.84 18.51 10.77
N HIS A 298 -2.82 17.71 9.71
CA HIS A 298 -3.18 16.30 9.81
C HIS A 298 -2.24 15.44 8.97
N SER A 299 -1.67 14.43 9.62
CA SER A 299 -0.87 13.43 8.94
C SER A 299 -1.75 12.60 8.01
N ARG A 300 -1.12 12.10 6.94
CA ARG A 300 -1.78 11.13 6.07
C ARG A 300 -1.79 9.77 6.77
N LYS A 301 -2.97 9.20 6.92
CA LYS A 301 -3.13 7.95 7.65
C LYS A 301 -2.70 6.75 6.80
N ARG A 302 -2.33 5.67 7.48
CA ARG A 302 -2.20 4.39 6.80
C ARG A 302 -3.55 3.70 6.83
N TRP A 303 -3.93 3.12 5.69
CA TRP A 303 -5.25 2.55 5.55
C TRP A 303 -5.53 1.45 6.56
N GLU A 304 -4.48 0.80 7.07
CA GLU A 304 -4.67 -0.32 7.98
C GLU A 304 -5.48 0.08 9.22
N ARG A 305 -5.44 1.37 9.60
CA ARG A 305 -6.15 1.77 10.79
C ARG A 305 -7.66 1.64 10.64
N PHE A 306 -8.16 1.49 9.43
CA PHE A 306 -9.59 1.35 9.19
C PHE A 306 -10.07 -0.08 9.14
N VAL A 307 -9.20 -1.06 9.31
CA VAL A 307 -9.69 -2.44 9.31
C VAL A 307 -9.96 -2.86 10.74
N HIS A 308 -10.88 -3.80 10.88
CA HIS A 308 -11.21 -4.36 12.18
C HIS A 308 -11.77 -5.76 11.95
N SER A 309 -12.06 -6.47 13.05
CA SER A 309 -12.50 -7.85 12.93
C SER A 309 -13.74 -7.96 12.06
N GLU A 310 -14.74 -7.11 12.28
CA GLU A 310 -16.00 -7.23 11.56
C GLU A 310 -15.95 -6.67 10.12
N ASN A 311 -14.75 -6.36 9.53
CA ASN A 311 -14.68 -5.98 8.12
C ASN A 311 -13.45 -6.49 7.37
N GLN A 312 -12.56 -7.23 8.02
CA GLN A 312 -11.27 -7.56 7.40
C GLN A 312 -11.42 -8.56 6.25
N HIS A 313 -12.52 -9.32 6.18
CA HIS A 313 -12.67 -10.31 5.13
C HIS A 313 -12.79 -9.71 3.74
N LEU A 314 -12.96 -8.39 3.63
CA LEU A 314 -13.03 -7.70 2.35
C LEU A 314 -11.78 -6.91 2.03
N VAL A 315 -10.84 -6.85 2.96
CA VAL A 315 -9.65 -6.02 2.88
C VAL A 315 -8.46 -6.90 2.52
N SER A 316 -7.61 -6.41 1.64
CA SER A 316 -6.43 -7.15 1.16
C SER A 316 -5.40 -6.14 0.68
N PRO A 317 -4.12 -6.52 0.65
CA PRO A 317 -3.11 -5.62 0.06
C PRO A 317 -3.52 -5.10 -1.31
N GLU A 318 -4.16 -5.95 -2.12
CA GLU A 318 -4.60 -5.57 -3.45
C GLU A 318 -5.68 -4.49 -3.39
N ALA A 319 -6.73 -4.73 -2.59
CA ALA A 319 -7.83 -3.74 -2.51
C ALA A 319 -7.33 -2.42 -1.95
N LEU A 320 -6.41 -2.49 -0.99
CA LEU A 320 -5.82 -1.29 -0.40
C LEU A 320 -5.07 -0.47 -1.44
N ASP A 321 -4.19 -1.14 -2.19
CA ASP A 321 -3.46 -0.48 -3.27
C ASP A 321 -4.44 0.19 -4.24
N PHE A 322 -5.46 -0.55 -4.68
CA PHE A 322 -6.44 0.04 -5.59
C PHE A 322 -7.14 1.23 -4.95
N LEU A 323 -7.52 1.12 -3.67
CA LEU A 323 -8.19 2.23 -2.99
C LEU A 323 -7.32 3.48 -2.95
N ASP A 324 -6.05 3.32 -2.56
CA ASP A 324 -5.11 4.44 -2.48
C ASP A 324 -5.01 5.19 -3.80
N LYS A 325 -5.01 4.47 -4.92
CA LYS A 325 -4.83 5.09 -6.22
C LYS A 325 -6.10 5.70 -6.80
N LEU A 326 -7.24 5.59 -6.13
CA LEU A 326 -8.44 6.34 -6.50
C LEU A 326 -8.56 7.64 -5.69
N LEU A 327 -8.38 7.59 -4.36
CA LEU A 327 -8.54 8.77 -3.53
C LEU A 327 -7.25 9.60 -3.52
N ARG A 328 -7.09 10.44 -4.54
CA ARG A 328 -6.11 11.51 -4.54
C ARG A 328 -6.79 12.86 -4.72
N TYR A 329 -6.33 13.84 -3.95
CA TYR A 329 -6.67 15.24 -4.20
C TYR A 329 -6.45 15.57 -5.67
N ASP A 330 -5.19 15.53 -6.11
CA ASP A 330 -4.81 15.84 -7.48
C ASP A 330 -5.52 14.93 -8.45
N HIS A 331 -6.55 15.45 -9.13
CA HIS A 331 -7.36 14.63 -10.02
C HIS A 331 -6.53 13.98 -11.11
N GLN A 332 -5.36 14.56 -11.46
CA GLN A 332 -4.58 13.98 -12.55
C GLN A 332 -3.95 12.66 -12.13
N SER A 333 -3.69 12.47 -10.85
CA SER A 333 -2.96 11.28 -10.46
C SER A 333 -3.87 10.09 -10.15
N ARG A 334 -5.19 10.29 -10.14
CA ARG A 334 -6.12 9.19 -9.97
C ARG A 334 -6.06 8.26 -11.19
N LEU A 335 -6.26 6.96 -10.96
CA LEU A 335 -6.33 6.03 -12.07
C LEU A 335 -7.47 6.40 -12.99
N THR A 336 -7.25 6.24 -14.29
CA THR A 336 -8.36 6.26 -15.23
C THR A 336 -9.17 4.99 -15.09
N ALA A 337 -10.38 5.00 -15.64
CA ALA A 337 -11.22 3.81 -15.58
C ALA A 337 -10.51 2.62 -16.22
N ARG A 338 -9.89 2.80 -17.39
CA ARG A 338 -9.21 1.67 -17.98
C ARG A 338 -7.93 1.33 -17.23
N GLU A 339 -7.35 2.27 -16.49
CA GLU A 339 -6.23 1.88 -15.64
C GLU A 339 -6.72 1.05 -14.47
N ALA A 340 -7.87 1.44 -13.89
CA ALA A 340 -8.47 0.66 -12.82
C ALA A 340 -8.76 -0.77 -13.27
N MET A 341 -9.29 -0.95 -14.48
CA MET A 341 -9.67 -2.31 -14.88
C MET A 341 -8.47 -3.23 -15.04
N GLU A 342 -7.28 -2.67 -15.20
CA GLU A 342 -6.08 -3.47 -15.39
C GLU A 342 -5.35 -3.71 -14.08
N HIS A 343 -5.87 -3.18 -12.98
CA HIS A 343 -5.29 -3.36 -11.66
C HIS A 343 -5.40 -4.83 -11.22
N PRO A 344 -4.43 -5.32 -10.44
CA PRO A 344 -4.46 -6.73 -10.01
C PRO A 344 -5.70 -7.10 -9.22
N TYR A 345 -6.30 -6.17 -8.49
CA TYR A 345 -7.55 -6.38 -7.76
C TYR A 345 -8.58 -7.15 -8.58
N PHE A 346 -8.58 -6.96 -9.91
CA PHE A 346 -9.59 -7.52 -10.77
C PHE A 346 -9.12 -8.78 -11.51
N TYR A 347 -7.92 -9.28 -11.20
CA TYR A 347 -7.34 -10.35 -12.01
C TYR A 347 -8.22 -11.59 -12.01
N THR A 348 -8.82 -11.93 -10.86
CA THR A 348 -9.65 -13.13 -10.86
C THR A 348 -10.94 -12.91 -11.65
N VAL A 349 -11.53 -11.72 -11.55
CA VAL A 349 -12.80 -11.54 -12.25
C VAL A 349 -12.55 -11.35 -13.74
N VAL A 350 -11.36 -10.87 -14.13
CA VAL A 350 -11.04 -10.77 -15.54
C VAL A 350 -10.90 -12.16 -16.17
N LYS A 351 -10.28 -13.11 -15.45
CA LYS A 351 -10.08 -14.44 -16.03
C LYS A 351 -11.35 -15.29 -16.00
N ASP A 352 -12.22 -15.12 -15.00
CA ASP A 352 -13.46 -15.89 -14.93
C ASP A 352 -14.43 -15.48 -16.04
N GLN A 353 -14.32 -14.25 -16.51
CA GLN A 353 -15.12 -13.73 -17.61
C GLN A 353 -14.65 -14.22 -18.98
N ALA A 354 -13.62 -15.06 -19.03
CA ALA A 354 -13.19 -15.71 -20.26
C ALA A 354 -13.25 -17.24 -20.09
N GLY B 25 14.01 12.14 31.47
CA GLY B 25 14.83 11.36 30.55
C GLY B 25 14.09 10.57 29.46
N PRO B 26 14.76 9.64 28.80
CA PRO B 26 14.08 8.78 27.82
C PRO B 26 12.99 7.95 28.49
N VAL B 27 12.03 7.50 27.67
CA VAL B 27 10.95 6.62 28.11
C VAL B 27 11.40 5.18 27.90
N PRO B 28 11.17 4.27 28.84
CA PRO B 28 11.66 2.89 28.66
C PRO B 28 10.86 2.15 27.62
N SER B 29 11.44 1.06 27.13
CA SER B 29 10.82 0.23 26.12
C SER B 29 11.09 -1.24 26.40
N ARG B 30 10.12 -2.08 26.09
CA ARG B 30 10.30 -3.52 26.14
CA ARG B 30 10.26 -3.53 26.15
C ARG B 30 9.88 -4.12 24.79
N ALA B 31 10.60 -5.16 24.37
CA ALA B 31 10.24 -5.87 23.16
C ALA B 31 8.91 -6.59 23.38
N ARG B 32 8.07 -6.62 22.36
CA ARG B 32 6.75 -7.20 22.58
C ARG B 32 6.70 -8.70 22.25
N VAL B 33 7.84 -9.35 22.06
CA VAL B 33 7.90 -10.81 21.98
C VAL B 33 9.23 -11.25 22.60
N TYR B 34 9.24 -12.50 23.08
CA TYR B 34 10.45 -13.12 23.61
C TYR B 34 11.14 -12.24 24.64
N THR B 35 10.34 -11.52 25.43
CA THR B 35 10.90 -10.46 26.26
C THR B 35 11.75 -11.04 27.39
N ASP B 36 11.24 -12.06 28.08
CA ASP B 36 11.89 -12.57 29.28
C ASP B 36 12.57 -13.93 29.09
N VAL B 37 12.79 -14.37 27.84
CA VAL B 37 13.29 -15.73 27.63
C VAL B 37 14.65 -15.92 28.25
N ASN B 38 15.46 -14.85 28.32
CA ASN B 38 16.77 -14.95 28.95
C ASN B 38 16.69 -14.96 30.48
N THR B 39 15.71 -14.27 31.06
CA THR B 39 15.52 -14.36 32.49
C THR B 39 15.20 -15.78 32.92
N HIS B 40 14.54 -16.54 32.04
CA HIS B 40 14.06 -17.85 32.41
C HIS B 40 15.10 -18.94 32.19
N ARG B 41 16.28 -18.58 31.74
CA ARG B 41 17.29 -19.59 31.48
C ARG B 41 18.28 -19.67 32.64
N PRO B 42 19.06 -20.74 32.71
CA PRO B 42 20.17 -20.73 33.65
C PRO B 42 21.08 -19.57 33.34
N ARG B 43 21.71 -19.05 34.39
CA ARG B 43 22.57 -17.88 34.25
C ARG B 43 23.61 -18.08 33.16
N GLU B 44 24.21 -19.28 33.09
CA GLU B 44 25.35 -19.49 32.20
C GLU B 44 24.98 -19.36 30.72
N TYR B 45 23.68 -19.41 30.40
CA TYR B 45 23.25 -19.30 29.01
C TYR B 45 23.66 -17.96 28.43
N TRP B 46 23.37 -16.88 29.15
CA TRP B 46 23.60 -15.53 28.63
C TRP B 46 24.77 -14.82 29.29
N ASP B 47 25.26 -15.33 30.43
CA ASP B 47 26.35 -14.68 31.16
C ASP B 47 27.68 -15.05 30.51
N TYR B 48 27.91 -14.45 29.34
CA TYR B 48 29.00 -14.90 28.49
C TYR B 48 30.35 -14.47 28.99
N GLU B 49 30.41 -13.42 29.81
CA GLU B 49 31.72 -12.98 30.29
C GLU B 49 32.42 -14.08 31.08
N SER B 50 31.65 -14.97 31.73
CA SER B 50 32.23 -16.05 32.52
C SER B 50 32.24 -17.37 31.76
N HIS B 51 32.12 -17.33 30.43
CA HIS B 51 32.16 -18.54 29.61
C HIS B 51 33.60 -18.99 29.40
N VAL B 52 33.90 -20.24 29.75
CA VAL B 52 35.23 -20.79 29.52
C VAL B 52 35.31 -21.36 28.11
N VAL B 53 36.35 -20.97 27.36
CA VAL B 53 36.60 -21.49 26.02
C VAL B 53 37.69 -22.53 26.12
N GLU B 54 37.62 -23.58 25.32
CA GLU B 54 38.74 -24.51 25.19
C GLU B 54 39.08 -24.60 23.71
N TRP B 55 40.34 -24.29 23.40
CA TRP B 55 40.81 -24.08 22.04
C TRP B 55 41.51 -25.33 21.52
N GLY B 56 40.92 -25.97 20.51
CA GLY B 56 41.65 -26.97 19.74
C GLY B 56 42.90 -26.39 19.10
N ASN B 57 43.61 -27.21 18.34
CA ASN B 57 44.87 -26.81 17.72
C ASN B 57 44.62 -26.32 16.30
N GLN B 58 45.04 -25.08 16.02
CA GLN B 58 44.93 -24.54 14.66
C GLN B 58 45.68 -25.40 13.65
N ASP B 59 46.63 -26.22 14.10
CA ASP B 59 47.33 -27.06 13.14
C ASP B 59 46.49 -28.22 12.62
N ASP B 60 45.21 -28.34 13.01
CA ASP B 60 44.31 -29.26 12.34
C ASP B 60 43.74 -28.70 11.04
N TYR B 61 44.13 -27.48 10.66
CA TYR B 61 43.61 -26.82 9.48
C TYR B 61 44.78 -26.11 8.79
N GLN B 62 44.99 -26.41 7.52
CA GLN B 62 45.88 -25.64 6.66
C GLN B 62 45.03 -24.66 5.86
N LEU B 63 45.54 -23.44 5.65
CA LEU B 63 44.78 -22.44 4.91
C LEU B 63 45.00 -22.62 3.40
N VAL B 64 43.91 -22.45 2.62
CA VAL B 64 43.96 -22.62 1.17
C VAL B 64 44.08 -21.27 0.48
N ARG B 65 43.09 -20.41 0.66
CA ARG B 65 43.15 -19.08 0.06
C ARG B 65 42.36 -18.10 0.92
N LYS B 66 42.59 -16.80 0.69
CA LYS B 66 41.89 -15.75 1.40
C LYS B 66 40.58 -15.42 0.70
N LEU B 67 39.50 -15.32 1.49
CA LEU B 67 38.16 -15.12 0.96
C LEU B 67 37.60 -13.73 1.26
N GLY B 68 38.03 -13.07 2.33
CA GLY B 68 37.50 -11.77 2.66
C GLY B 68 38.21 -11.15 3.83
N ARG B 69 38.16 -9.83 3.89
CA ARG B 69 38.57 -9.08 5.06
C ARG B 69 37.39 -8.25 5.59
N GLY B 70 37.67 -7.46 6.62
CA GLY B 70 36.63 -6.81 7.39
C GLY B 70 37.21 -6.19 8.65
N LYS B 71 36.32 -5.65 9.47
CA LYS B 71 36.81 -4.80 10.54
C LYS B 71 37.28 -5.61 11.74
N TYR B 72 36.73 -6.81 11.94
CA TYR B 72 37.10 -7.65 13.07
C TYR B 72 37.68 -9.00 12.68
N SER B 73 37.89 -9.27 11.39
CA SER B 73 38.17 -10.66 10.99
C SER B 73 38.71 -10.69 9.57
N GLU B 74 39.45 -11.76 9.30
CA GLU B 74 39.83 -12.19 7.96
C GLU B 74 39.38 -13.63 7.79
N VAL B 75 38.85 -13.97 6.62
CA VAL B 75 38.26 -15.27 6.39
C VAL B 75 39.07 -15.99 5.31
N PHE B 76 39.38 -17.27 5.56
CA PHE B 76 40.13 -18.12 4.64
C PHE B 76 39.39 -19.42 4.40
N GLU B 77 39.44 -19.90 3.15
CA GLU B 77 39.10 -21.29 2.90
C GLU B 77 40.19 -22.18 3.50
N ALA B 78 39.81 -23.34 4.03
CA ALA B 78 40.79 -24.21 4.68
C ALA B 78 40.40 -25.68 4.52
N ILE B 79 41.35 -26.59 4.76
CA ILE B 79 41.07 -28.01 4.83
C ILE B 79 41.28 -28.49 6.25
N ASN B 80 40.36 -29.31 6.75
CA ASN B 80 40.57 -30.11 7.95
C ASN B 80 41.38 -31.34 7.56
N ILE B 81 42.67 -31.37 7.92
CA ILE B 81 43.55 -32.40 7.40
C ILE B 81 43.21 -33.80 7.89
N THR B 82 42.34 -33.92 8.90
CA THR B 82 42.05 -35.22 9.50
C THR B 82 41.02 -36.01 8.69
N ASN B 83 40.05 -35.31 8.10
CA ASN B 83 38.96 -35.95 7.38
C ASN B 83 38.70 -35.26 6.03
N ASN B 84 39.60 -34.38 5.61
CA ASN B 84 39.74 -33.90 4.23
C ASN B 84 38.64 -32.94 3.77
N GLU B 85 37.81 -32.41 4.66
CA GLU B 85 36.69 -31.60 4.17
C GLU B 85 37.02 -30.12 4.15
N LYS B 86 36.26 -29.42 3.32
CA LYS B 86 36.42 -27.99 3.08
C LYS B 86 35.75 -27.22 4.22
N VAL B 87 36.47 -26.24 4.78
CA VAL B 87 36.02 -25.50 5.95
C VAL B 87 36.37 -24.04 5.73
N VAL B 88 35.95 -23.18 6.66
CA VAL B 88 36.27 -21.76 6.59
C VAL B 88 36.81 -21.29 7.94
N VAL B 89 37.92 -20.55 7.93
CA VAL B 89 38.59 -20.10 9.14
C VAL B 89 38.47 -18.58 9.27
N LYS B 90 38.13 -18.10 10.47
CA LYS B 90 37.92 -16.68 10.74
C LYS B 90 38.92 -16.21 11.80
N ILE B 91 40.07 -15.71 11.34
CA ILE B 91 41.07 -15.18 12.24
C ILE B 91 40.60 -13.82 12.78
N LEU B 92 40.58 -13.69 14.11
CA LEU B 92 40.03 -12.51 14.77
C LEU B 92 41.09 -11.42 14.93
N LYS B 93 40.82 -10.26 14.33
CA LYS B 93 41.59 -9.07 14.60
C LYS B 93 41.43 -8.76 16.09
N PRO B 94 42.35 -7.99 16.68
CA PRO B 94 42.25 -7.77 18.13
C PRO B 94 40.91 -7.13 18.49
N VAL B 95 40.20 -7.78 19.42
CA VAL B 95 38.98 -7.26 20.03
C VAL B 95 39.04 -7.69 21.48
N LYS B 96 38.33 -6.96 22.34
CA LYS B 96 38.32 -7.29 23.76
C LYS B 96 37.86 -8.74 23.95
N LYS B 97 38.41 -9.38 24.98
CA LYS B 97 38.12 -10.81 25.19
C LYS B 97 36.63 -11.03 25.45
N LYS B 98 35.95 -10.05 26.02
CA LYS B 98 34.51 -10.12 26.29
C LYS B 98 33.71 -10.46 25.03
N LYS B 99 34.15 -9.95 23.86
CA LYS B 99 33.40 -10.02 22.60
C LYS B 99 33.69 -11.30 21.80
N ILE B 100 34.87 -11.90 21.99
CA ILE B 100 35.10 -13.26 21.52
C ILE B 100 34.22 -14.24 22.29
N LYS B 101 34.35 -14.25 23.62
CA LYS B 101 33.46 -15.04 24.47
C LYS B 101 31.98 -14.84 24.10
N ARG B 102 31.60 -13.64 23.66
CA ARG B 102 30.20 -13.40 23.30
C ARG B 102 29.84 -14.07 21.98
N GLU B 103 30.59 -13.75 20.91
CA GLU B 103 30.37 -14.45 19.65
C GLU B 103 30.34 -15.96 19.83
N ILE B 104 31.33 -16.53 20.52
CA ILE B 104 31.40 -17.99 20.63
C ILE B 104 30.15 -18.51 21.33
N LYS B 105 29.87 -17.97 22.52
CA LYS B 105 28.69 -18.39 23.26
C LYS B 105 27.45 -18.35 22.38
N ILE B 106 27.25 -17.26 21.64
CA ILE B 106 26.02 -17.12 20.87
C ILE B 106 25.93 -18.19 19.80
N LEU B 107 27.03 -18.41 19.07
CA LEU B 107 27.06 -19.47 18.06
C LEU B 107 26.79 -20.83 18.67
N GLU B 108 27.22 -21.08 19.90
CA GLU B 108 26.95 -22.38 20.48
C GLU B 108 25.48 -22.51 20.83
N ASN B 109 24.87 -21.45 21.37
CA ASN B 109 23.45 -21.53 21.70
C ASN B 109 22.61 -21.71 20.44
N LEU B 110 22.92 -20.93 19.39
CA LEU B 110 22.14 -21.02 18.16
C LEU B 110 22.43 -22.28 17.35
N ARG B 111 23.63 -22.86 17.51
CA ARG B 111 24.09 -24.00 16.69
C ARG B 111 22.99 -25.01 16.42
N GLY B 112 22.86 -25.41 15.15
CA GLY B 112 21.86 -26.36 14.76
C GLY B 112 20.49 -25.79 14.42
N GLY B 113 20.25 -24.50 14.67
CA GLY B 113 18.99 -23.89 14.32
C GLY B 113 18.93 -23.52 12.85
N PRO B 114 17.73 -23.24 12.36
CA PRO B 114 17.52 -23.13 10.91
C PRO B 114 18.28 -21.97 10.28
N ASN B 115 19.04 -22.27 9.23
CA ASN B 115 19.77 -21.27 8.46
C ASN B 115 20.73 -20.45 9.32
N ILE B 116 21.19 -21.01 10.44
CA ILE B 116 22.25 -20.42 11.24
C ILE B 116 23.56 -21.11 10.88
N ILE B 117 24.57 -20.33 10.50
CA ILE B 117 25.88 -20.90 10.19
C ILE B 117 26.35 -21.74 11.37
N THR B 118 27.00 -22.85 11.07
CA THR B 118 27.49 -23.79 12.07
C THR B 118 28.93 -23.46 12.47
N LEU B 119 29.15 -23.15 13.74
CA LEU B 119 30.51 -23.11 14.23
C LEU B 119 30.99 -24.53 14.39
N ALA B 120 32.14 -24.83 13.79
CA ALA B 120 32.65 -26.19 13.80
C ALA B 120 33.75 -26.41 14.82
N ASP B 121 34.45 -25.34 15.20
CA ASP B 121 35.61 -25.48 16.09
C ASP B 121 36.09 -24.10 16.48
N ILE B 122 36.83 -24.05 17.59
CA ILE B 122 37.47 -22.86 18.09
C ILE B 122 38.94 -23.20 18.28
N VAL B 123 39.82 -22.58 17.50
CA VAL B 123 41.24 -22.88 17.63
C VAL B 123 42.01 -21.59 17.83
N LYS B 124 43.31 -21.75 18.05
CA LYS B 124 44.15 -20.67 18.50
C LYS B 124 45.57 -21.03 18.09
N ASP B 125 46.22 -20.16 17.34
CA ASP B 125 47.53 -20.50 16.81
C ASP B 125 48.53 -20.64 17.95
N PRO B 126 49.45 -21.61 17.87
CA PRO B 126 50.34 -21.87 19.02
C PRO B 126 51.27 -20.71 19.35
N VAL B 127 51.73 -19.95 18.36
CA VAL B 127 52.76 -18.92 18.56
C VAL B 127 52.17 -17.51 18.50
N SER B 128 51.20 -17.23 17.60
CA SER B 128 50.53 -15.92 17.64
C SER B 128 49.68 -15.77 18.90
N ARG B 129 49.17 -16.86 19.45
CA ARG B 129 48.10 -16.88 20.44
C ARG B 129 46.83 -16.18 19.92
N THR B 130 46.78 -15.91 18.59
CA THR B 130 45.68 -15.23 17.92
C THR B 130 44.52 -16.19 17.69
N PRO B 131 43.28 -15.82 18.02
CA PRO B 131 42.17 -16.78 18.00
C PRO B 131 41.47 -16.85 16.65
N ALA B 132 40.91 -18.02 16.36
CA ALA B 132 40.19 -18.20 15.11
C ALA B 132 38.96 -19.06 15.36
N LEU B 133 37.86 -18.71 14.70
CA LEU B 133 36.68 -19.58 14.65
C LEU B 133 36.69 -20.38 13.34
N VAL B 134 36.24 -21.63 13.40
CA VAL B 134 36.19 -22.49 12.21
C VAL B 134 34.72 -22.83 11.89
N PHE B 135 34.30 -22.55 10.65
CA PHE B 135 32.90 -22.59 10.24
C PHE B 135 32.62 -23.58 9.11
N GLU B 136 31.35 -23.99 9.01
CA GLU B 136 30.90 -24.79 7.86
C GLU B 136 31.04 -23.97 6.59
N HIS B 137 31.36 -24.64 5.49
CA HIS B 137 31.53 -23.95 4.22
C HIS B 137 30.19 -23.89 3.50
N VAL B 138 29.85 -22.70 2.99
CA VAL B 138 28.70 -22.50 2.12
C VAL B 138 29.22 -22.21 0.73
N ASN B 139 28.86 -23.06 -0.23
CA ASN B 139 29.22 -22.86 -1.63
C ASN B 139 28.44 -21.66 -2.14
N ASN B 140 29.07 -20.51 -2.18
CA ASN B 140 28.39 -19.27 -2.51
C ASN B 140 28.17 -19.15 -4.02
N THR B 141 26.92 -18.95 -4.42
CA THR B 141 26.60 -18.67 -5.82
C THR B 141 26.81 -17.19 -6.11
N ASP B 142 27.62 -16.91 -7.14
CA ASP B 142 27.84 -15.59 -7.69
C ASP B 142 26.55 -14.77 -7.68
N PHE B 143 26.46 -13.79 -6.77
CA PHE B 143 25.29 -12.94 -6.69
C PHE B 143 25.21 -11.93 -7.83
N LYS B 144 26.28 -11.75 -8.61
CA LYS B 144 26.23 -10.92 -9.81
C LYS B 144 25.55 -11.63 -10.98
N GLN B 145 25.51 -12.96 -10.96
CA GLN B 145 24.62 -13.72 -11.83
C GLN B 145 23.30 -14.08 -11.14
N LEU B 146 23.27 -14.05 -9.80
CA LEU B 146 22.00 -14.10 -9.09
C LEU B 146 21.18 -12.85 -9.35
N TYR B 147 21.80 -11.66 -9.22
CA TYR B 147 21.07 -10.40 -9.28
C TYR B 147 20.29 -10.26 -10.60
N GLN B 148 20.84 -10.75 -11.71
CA GLN B 148 20.17 -10.67 -13.01
C GLN B 148 19.27 -11.85 -13.31
N THR B 149 19.29 -12.91 -12.49
CA THR B 149 18.41 -14.06 -12.63
C THR B 149 17.40 -14.17 -11.49
N LEU B 150 17.25 -13.11 -10.69
CA LEU B 150 16.38 -13.15 -9.52
C LEU B 150 14.93 -12.95 -9.96
N THR B 151 14.11 -13.98 -9.81
CA THR B 151 12.69 -13.85 -10.01
C THR B 151 11.99 -13.31 -8.75
N ASP B 152 10.71 -12.97 -8.91
CA ASP B 152 9.94 -12.55 -7.75
C ASP B 152 9.73 -13.70 -6.77
N TYR B 153 9.57 -14.93 -7.28
CA TYR B 153 9.48 -16.06 -6.36
C TYR B 153 10.73 -16.19 -5.52
N ASP B 154 11.90 -15.87 -6.10
CA ASP B 154 13.16 -16.06 -5.40
C ASP B 154 13.31 -15.08 -4.24
N ILE B 155 12.92 -13.82 -4.42
CA ILE B 155 12.98 -12.89 -3.30
C ILE B 155 12.04 -13.31 -2.17
N ARG B 156 10.81 -13.69 -2.51
CA ARG B 156 9.91 -14.24 -1.49
C ARG B 156 10.53 -15.47 -0.83
N PHE B 157 10.96 -16.44 -1.63
CA PHE B 157 11.49 -17.68 -1.09
C PHE B 157 12.63 -17.41 -0.11
N TYR B 158 13.61 -16.60 -0.52
CA TYR B 158 14.78 -16.43 0.35
C TYR B 158 14.51 -15.45 1.49
N MET B 159 13.61 -14.48 1.31
CA MET B 159 13.23 -13.65 2.45
C MET B 159 12.58 -14.50 3.54
N TYR B 160 11.80 -15.51 3.14
CA TYR B 160 11.20 -16.43 4.12
C TYR B 160 12.27 -17.23 4.87
N GLU B 161 13.35 -17.62 4.16
CA GLU B 161 14.43 -18.31 4.85
C GLU B 161 15.12 -17.39 5.85
N ILE B 162 15.34 -16.12 5.50
CA ILE B 162 16.03 -15.25 6.48
C ILE B 162 15.19 -15.10 7.74
N LEU B 163 13.86 -15.08 7.61
CA LEU B 163 13.01 -14.90 8.78
C LEU B 163 13.04 -16.13 9.67
N LYS B 164 13.05 -17.34 9.07
CA LYS B 164 13.31 -18.55 9.84
C LYS B 164 14.52 -18.38 10.75
N ALA B 165 15.58 -17.73 10.24
CA ALA B 165 16.76 -17.55 11.08
C ALA B 165 16.57 -16.44 12.10
N LEU B 166 15.83 -15.38 11.74
CA LEU B 166 15.58 -14.29 12.68
C LEU B 166 14.59 -14.70 13.77
N ASP B 167 13.43 -15.27 13.40
CA ASP B 167 12.52 -15.78 14.42
C ASP B 167 13.22 -16.78 15.32
N TYR B 168 14.17 -17.55 14.80
CA TYR B 168 14.88 -18.49 15.66
C TYR B 168 15.73 -17.76 16.69
N CYS B 169 16.65 -16.91 16.24
CA CYS B 169 17.57 -16.31 17.19
C CYS B 169 16.83 -15.36 18.12
N HIS B 170 15.84 -14.63 17.61
CA HIS B 170 15.00 -13.83 18.49
C HIS B 170 14.33 -14.69 19.56
N SER B 171 13.71 -15.79 19.16
CA SER B 171 13.10 -16.68 20.14
C SER B 171 14.12 -17.19 21.13
N MET B 172 15.38 -17.29 20.72
CA MET B 172 16.42 -17.81 21.59
C MET B 172 17.09 -16.71 22.40
N GLY B 173 16.57 -15.49 22.36
CA GLY B 173 17.03 -14.43 23.23
C GLY B 173 18.15 -13.59 22.66
N ILE B 174 18.32 -13.59 21.34
CA ILE B 174 19.48 -13.01 20.71
C ILE B 174 19.01 -12.11 19.55
N MET B 175 19.53 -10.87 19.53
CA MET B 175 19.39 -9.96 18.41
C MET B 175 20.71 -9.96 17.65
N HIS B 176 20.62 -9.87 16.32
CA HIS B 176 21.82 -10.06 15.50
C HIS B 176 22.57 -8.75 15.30
N ARG B 177 21.83 -7.66 15.09
CA ARG B 177 22.33 -6.29 15.03
C ARG B 177 23.23 -6.02 13.83
N ASP B 178 23.29 -6.90 12.83
CA ASP B 178 24.17 -6.63 11.69
C ASP B 178 23.63 -7.32 10.44
N VAL B 179 22.32 -7.25 10.23
CA VAL B 179 21.67 -7.88 9.09
C VAL B 179 21.88 -7.03 7.84
N LYS B 180 22.48 -7.62 6.82
CA LYS B 180 22.80 -6.94 5.57
C LYS B 180 23.21 -8.00 4.54
N PRO B 181 23.12 -7.68 3.24
CA PRO B 181 23.44 -8.69 2.21
C PRO B 181 24.76 -9.39 2.42
N HIS B 182 25.79 -8.67 2.87
CA HIS B 182 27.11 -9.25 3.06
C HIS B 182 27.10 -10.39 4.08
N ASN B 183 26.11 -10.43 4.99
CA ASN B 183 26.07 -11.45 6.01
C ASN B 183 25.06 -12.55 5.74
N VAL B 184 24.48 -12.58 4.54
CA VAL B 184 23.56 -13.63 4.11
C VAL B 184 24.23 -14.39 2.96
N MET B 185 24.55 -15.67 3.19
CA MET B 185 25.14 -16.57 2.19
C MET B 185 24.06 -17.43 1.55
N ILE B 186 24.12 -17.57 0.23
CA ILE B 186 23.13 -18.32 -0.52
C ILE B 186 23.86 -19.27 -1.45
N ASP B 187 23.56 -20.56 -1.33
CA ASP B 187 23.92 -21.60 -2.29
C ASP B 187 22.66 -21.87 -3.12
N HIS B 188 22.53 -21.17 -4.25
CA HIS B 188 21.27 -21.22 -5.00
C HIS B 188 20.99 -22.62 -5.55
N GLU B 189 22.03 -23.39 -5.86
CA GLU B 189 21.78 -24.66 -6.52
C GLU B 189 21.14 -25.68 -5.58
N HIS B 190 21.25 -25.47 -4.26
CA HIS B 190 20.53 -26.26 -3.27
C HIS B 190 19.47 -25.45 -2.52
N ARG B 191 19.27 -24.20 -2.91
CA ARG B 191 18.29 -23.31 -2.29
C ARG B 191 18.53 -23.22 -0.78
N LYS B 192 19.79 -23.00 -0.43
CA LYS B 192 20.29 -23.00 0.94
C LYS B 192 20.71 -21.60 1.34
N LEU B 193 20.30 -21.16 2.53
CA LEU B 193 20.69 -19.85 3.06
C LEU B 193 21.30 -20.02 4.45
N ARG B 194 22.24 -19.13 4.79
CA ARG B 194 22.91 -19.18 6.09
C ARG B 194 23.19 -17.76 6.57
N LEU B 195 22.61 -17.40 7.71
CA LEU B 195 22.90 -16.11 8.33
C LEU B 195 24.23 -16.20 9.08
N ILE B 196 25.19 -15.35 8.71
CA ILE B 196 26.54 -15.45 9.26
C ILE B 196 26.95 -14.19 10.03
N ASP B 197 28.19 -14.21 10.54
CA ASP B 197 28.81 -13.15 11.32
C ASP B 197 27.98 -12.70 12.52
N TRP B 198 28.09 -13.44 13.60
CA TRP B 198 27.39 -13.13 14.84
C TRP B 198 28.26 -12.30 15.80
N GLY B 199 29.31 -11.68 15.28
CA GLY B 199 30.23 -10.94 16.13
C GLY B 199 29.66 -9.64 16.67
N LEU B 200 28.52 -9.18 16.16
CA LEU B 200 27.83 -8.03 16.74
C LEU B 200 26.57 -8.39 17.51
N ALA B 201 26.12 -9.64 17.47
CA ALA B 201 24.89 -10.04 18.16
C ALA B 201 25.02 -9.91 19.68
N GLU B 202 23.89 -9.62 20.33
CA GLU B 202 23.82 -9.51 21.78
C GLU B 202 22.61 -10.28 22.31
N PHE B 203 22.61 -10.50 23.63
CA PHE B 203 21.50 -11.12 24.34
C PHE B 203 20.50 -10.05 24.72
N TYR B 204 19.22 -10.28 24.43
CA TYR B 204 18.24 -9.29 24.83
C TYR B 204 17.92 -9.47 26.30
N HIS B 205 17.97 -8.37 27.05
CA HIS B 205 17.61 -8.36 28.47
C HIS B 205 16.70 -7.16 28.66
N PRO B 206 15.48 -7.35 29.16
CA PRO B 206 14.57 -6.20 29.31
C PRO B 206 15.17 -5.11 30.20
N GLY B 207 15.14 -3.88 29.69
CA GLY B 207 15.65 -2.75 30.44
C GLY B 207 17.10 -2.41 30.17
N GLN B 208 17.83 -3.28 29.45
CA GLN B 208 19.25 -3.02 29.19
C GLN B 208 19.38 -1.98 28.08
N GLU B 209 20.40 -1.14 28.21
CA GLU B 209 20.68 -0.10 27.22
C GLU B 209 21.91 -0.53 26.45
N TYR B 210 21.81 -0.54 25.12
CA TYR B 210 22.83 -1.08 24.25
C TYR B 210 23.57 0.04 23.51
N ASN B 211 24.67 -0.34 22.88
CA ASN B 211 25.49 0.54 22.07
C ASN B 211 24.78 0.82 20.74
N VAL B 212 24.51 2.10 20.45
CA VAL B 212 23.85 2.43 19.19
C VAL B 212 24.83 2.38 18.01
N ARG B 213 26.12 2.43 18.27
CA ARG B 213 27.11 2.45 17.20
C ARG B 213 27.42 1.02 16.75
N VAL B 214 26.37 0.34 16.30
CA VAL B 214 26.44 -0.99 15.69
C VAL B 214 25.81 -0.93 14.30
N ALA B 215 25.78 -2.09 13.62
CA ALA B 215 25.20 -2.26 12.29
C ALA B 215 25.99 -1.46 11.29
N SER B 216 25.64 -1.62 10.02
CA SER B 216 26.27 -0.89 8.94
C SER B 216 25.38 0.29 8.55
N ARG B 217 26.01 1.34 7.99
CA ARG B 217 25.36 2.63 7.83
C ARG B 217 23.99 2.54 7.14
N TYR B 218 23.93 1.83 6.01
CA TYR B 218 22.70 1.83 5.24
C TYR B 218 21.61 0.99 5.89
N PHE B 219 21.94 0.18 6.89
CA PHE B 219 20.96 -0.69 7.54
C PHE B 219 20.68 -0.31 8.98
N LYS B 220 21.31 0.76 9.48
CA LYS B 220 21.03 1.26 10.82
C LYS B 220 19.58 1.72 10.92
N GLY B 221 18.86 1.22 11.92
CA GLY B 221 17.50 1.63 12.16
C GLY B 221 17.43 2.99 12.81
N PRO B 222 16.30 3.69 12.65
CA PRO B 222 16.20 5.04 13.26
C PRO B 222 16.56 5.07 14.73
N GLU B 223 16.29 3.98 15.47
CA GLU B 223 16.65 3.95 16.89
C GLU B 223 18.16 4.09 17.09
N LEU B 224 18.95 3.60 16.14
CA LEU B 224 20.37 3.85 16.25
C LEU B 224 20.71 5.30 15.95
N LEU B 225 20.12 5.87 14.90
CA LEU B 225 20.51 7.20 14.43
C LEU B 225 20.13 8.32 15.38
N VAL B 226 19.01 8.19 16.11
CA VAL B 226 18.61 9.19 17.09
C VAL B 226 19.16 8.87 18.48
N ASP B 227 19.96 7.80 18.61
CA ASP B 227 20.64 7.47 19.85
C ASP B 227 19.65 7.11 20.95
N TYR B 228 18.74 6.20 20.63
CA TYR B 228 17.83 5.61 21.60
C TYR B 228 18.35 4.21 21.95
N GLN B 229 18.76 4.04 23.20
CA GLN B 229 19.59 2.89 23.54
C GLN B 229 18.83 1.66 23.99
N MET B 230 17.52 1.74 24.20
CA MET B 230 16.81 0.62 24.84
C MET B 230 15.99 -0.15 23.80
N TYR B 231 16.68 -0.62 22.76
CA TYR B 231 16.05 -1.28 21.62
C TYR B 231 16.07 -2.80 21.81
N ASP B 232 15.70 -3.52 20.75
CA ASP B 232 15.39 -4.94 20.89
C ASP B 232 15.40 -5.56 19.50
N TYR B 233 14.87 -6.78 19.40
CA TYR B 233 14.94 -7.55 18.16
C TYR B 233 14.37 -6.77 16.98
N SER B 234 13.45 -5.84 17.22
CA SER B 234 12.85 -5.13 16.09
C SER B 234 13.87 -4.32 15.31
N LEU B 235 15.07 -4.09 15.85
CA LEU B 235 16.14 -3.49 15.07
C LEU B 235 16.50 -4.36 13.87
N ASP B 236 16.54 -5.67 14.05
CA ASP B 236 16.85 -6.57 12.94
C ASP B 236 15.80 -6.48 11.84
N MET B 237 14.58 -6.05 12.16
CA MET B 237 13.54 -6.00 11.16
C MET B 237 13.63 -4.73 10.33
N TRP B 238 14.16 -3.64 10.89
CA TRP B 238 14.47 -2.50 10.04
C TRP B 238 15.52 -2.90 9.01
N SER B 239 16.55 -3.60 9.46
CA SER B 239 17.56 -4.06 8.52
C SER B 239 16.93 -4.90 7.44
N LEU B 240 16.07 -5.85 7.83
CA LEU B 240 15.45 -6.72 6.85
C LEU B 240 14.65 -5.92 5.84
N GLY B 241 13.87 -4.93 6.29
CA GLY B 241 13.17 -4.06 5.34
C GLY B 241 14.09 -3.32 4.38
N CYS B 242 15.27 -2.91 4.85
CA CYS B 242 16.20 -2.23 3.96
C CYS B 242 16.66 -3.14 2.85
N MET B 243 16.98 -4.40 3.18
CA MET B 243 17.37 -5.33 2.13
C MET B 243 16.22 -5.55 1.16
N LEU B 244 15.01 -5.77 1.68
CA LEU B 244 13.87 -6.02 0.80
C LEU B 244 13.65 -4.86 -0.16
N ALA B 245 13.56 -3.63 0.36
CA ALA B 245 13.27 -2.50 -0.54
C ALA B 245 14.31 -2.41 -1.64
N SER B 246 15.57 -2.70 -1.29
CA SER B 246 16.64 -2.70 -2.28
C SER B 246 16.45 -3.79 -3.32
N MET B 247 15.89 -4.94 -2.92
CA MET B 247 15.76 -6.04 -3.87
C MET B 247 14.64 -5.77 -4.85
N ILE B 248 13.43 -5.46 -4.37
CA ILE B 248 12.30 -5.31 -5.27
C ILE B 248 12.40 -4.02 -6.09
N PHE B 249 13.08 -2.99 -5.58
CA PHE B 249 13.22 -1.76 -6.32
C PHE B 249 14.50 -1.70 -7.14
N ARG B 250 15.43 -2.63 -6.92
CA ARG B 250 16.73 -2.64 -7.59
C ARG B 250 17.47 -1.33 -7.35
N LYS B 251 17.77 -1.06 -6.08
CA LYS B 251 18.44 0.17 -5.67
C LYS B 251 19.32 -0.18 -4.45
N GLU B 252 20.62 -0.37 -4.69
CA GLU B 252 21.58 -0.75 -3.64
C GLU B 252 22.43 0.47 -3.30
N PRO B 253 22.34 1.01 -2.09
CA PRO B 253 21.40 0.68 -1.02
C PRO B 253 20.11 1.49 -1.12
N PHE B 254 19.03 1.08 -0.45
CA PHE B 254 17.81 1.86 -0.62
C PHE B 254 17.88 3.21 0.10
N PHE B 255 18.47 3.26 1.29
CA PHE B 255 18.65 4.51 2.03
C PHE B 255 20.14 4.89 1.98
N HIS B 256 20.50 5.70 0.99
CA HIS B 256 21.90 5.90 0.58
C HIS B 256 22.49 7.16 1.21
N GLY B 257 22.66 7.14 2.53
CA GLY B 257 23.15 8.32 3.23
C GLY B 257 24.67 8.55 3.14
N HIS B 258 25.06 9.82 3.31
CA HIS B 258 26.46 10.22 3.24
C HIS B 258 27.24 9.96 4.52
N ASP B 259 26.54 9.71 5.62
CA ASP B 259 27.12 9.46 6.94
C ASP B 259 25.94 9.26 7.89
N ASN B 260 26.20 9.13 9.19
CA ASN B 260 25.14 8.71 10.10
C ASN B 260 24.01 9.73 10.19
N TYR B 261 24.35 11.01 10.18
CA TYR B 261 23.30 12.04 10.29
C TYR B 261 22.42 12.05 9.06
N ASP B 262 23.03 12.16 7.88
CA ASP B 262 22.31 12.17 6.62
C ASP B 262 21.53 10.89 6.38
N GLN B 263 21.94 9.78 7.01
CA GLN B 263 21.19 8.54 6.86
C GLN B 263 19.77 8.71 7.36
N LEU B 264 19.58 9.53 8.42
CA LEU B 264 18.23 9.79 8.91
C LEU B 264 17.48 10.73 7.95
N VAL B 265 18.17 11.73 7.38
CA VAL B 265 17.53 12.57 6.37
C VAL B 265 17.04 11.71 5.21
N ARG B 266 17.83 10.71 4.78
CA ARG B 266 17.42 9.91 3.63
C ARG B 266 16.17 9.10 3.94
N ILE B 267 16.09 8.56 5.16
CA ILE B 267 14.88 7.89 5.62
C ILE B 267 13.73 8.87 5.67
N ALA B 268 13.99 10.08 6.18
CA ALA B 268 12.93 11.04 6.42
C ALA B 268 12.39 11.64 5.13
N LYS B 269 13.13 11.57 4.03
CA LYS B 269 12.60 11.97 2.73
C LYS B 269 11.68 10.90 2.13
N VAL B 270 11.64 9.70 2.72
CA VAL B 270 10.72 8.64 2.31
C VAL B 270 9.58 8.47 3.32
N LEU B 271 9.91 8.12 4.57
CA LEU B 271 8.91 7.97 5.61
C LEU B 271 8.31 9.29 6.09
N GLY B 272 8.83 10.43 5.64
CA GLY B 272 8.27 11.70 6.07
C GLY B 272 8.70 12.11 7.48
N THR B 273 8.71 13.41 7.76
CA THR B 273 9.25 13.88 9.03
C THR B 273 8.23 13.84 10.15
N GLU B 274 6.94 13.96 9.82
CA GLU B 274 5.91 13.97 10.85
C GLU B 274 6.01 12.76 11.79
N ASP B 275 5.99 11.55 11.23
CA ASP B 275 6.11 10.35 12.09
C ASP B 275 7.42 10.34 12.86
N LEU B 276 8.46 10.97 12.31
CA LEU B 276 9.75 10.99 13.00
C LEU B 276 9.65 11.74 14.31
N TYR B 277 8.99 12.91 14.30
CA TYR B 277 8.88 13.70 15.53
C TYR B 277 7.84 13.15 16.49
N ASP B 278 6.82 12.44 15.98
CA ASP B 278 5.88 11.73 16.85
C ASP B 278 6.58 10.60 17.57
N TYR B 279 7.45 9.86 16.87
CA TYR B 279 8.30 8.84 17.48
C TYR B 279 9.20 9.44 18.56
N ILE B 280 9.84 10.59 18.25
CA ILE B 280 10.71 11.26 19.22
C ILE B 280 9.90 11.66 20.45
N ASP B 281 8.66 12.12 20.24
CA ASP B 281 7.82 12.52 21.38
C ASP B 281 7.42 11.31 22.20
N LYS B 282 7.00 10.23 21.55
CA LYS B 282 6.50 9.08 22.30
C LYS B 282 7.54 8.62 23.31
N TYR B 283 8.81 8.67 22.94
CA TYR B 283 9.89 8.18 23.79
C TYR B 283 10.72 9.27 24.44
N ASN B 284 10.35 10.53 24.24
CA ASN B 284 11.03 11.69 24.85
C ASN B 284 12.54 11.66 24.58
N ILE B 285 12.89 11.47 23.32
CA ILE B 285 14.28 11.37 22.89
C ILE B 285 14.85 12.76 22.67
N GLU B 286 15.97 13.07 23.36
CA GLU B 286 16.75 14.28 23.08
C GLU B 286 17.39 14.13 21.71
N LEU B 287 16.93 14.91 20.74
CA LEU B 287 17.54 14.85 19.42
C LEU B 287 18.85 15.64 19.40
N ASP B 288 19.86 15.11 18.72
CA ASP B 288 21.14 15.80 18.62
C ASP B 288 20.94 17.12 17.90
N PRO B 289 21.44 18.24 18.44
CA PRO B 289 21.16 19.54 17.81
C PRO B 289 21.68 19.64 16.37
N ARG B 290 22.60 18.76 15.96
CA ARG B 290 23.09 18.74 14.58
C ARG B 290 21.98 18.33 13.61
N PHE B 291 21.04 17.50 14.07
CA PHE B 291 19.89 17.17 13.23
C PHE B 291 18.99 18.36 12.99
N ASN B 292 18.99 19.33 13.91
CA ASN B 292 18.02 20.42 13.90
C ASN B 292 17.97 21.16 12.57
N ASP B 293 19.03 21.14 11.77
CA ASP B 293 19.07 21.99 10.58
C ASP B 293 19.07 21.23 9.25
N ILE B 294 18.88 19.91 9.25
CA ILE B 294 19.00 19.15 8.01
C ILE B 294 17.84 18.20 7.77
N LEU B 295 17.02 17.89 8.77
CA LEU B 295 15.82 17.10 8.52
C LEU B 295 14.83 17.91 7.68
N GLY B 296 14.40 19.07 8.18
CA GLY B 296 13.44 19.84 7.46
C GLY B 296 12.01 19.32 7.63
N ARG B 297 11.16 19.69 6.66
CA ARG B 297 9.79 19.18 6.54
C ARG B 297 9.71 18.35 5.28
N HIS B 298 9.25 17.10 5.41
CA HIS B 298 9.19 16.17 4.30
C HIS B 298 7.95 15.29 4.39
N SER B 299 7.26 15.14 3.28
CA SER B 299 6.07 14.31 3.22
C SER B 299 6.45 12.84 3.30
N ARG B 300 5.46 12.01 3.62
CA ARG B 300 5.63 10.55 3.61
C ARG B 300 5.25 10.03 2.23
N LYS B 301 6.25 9.61 1.45
CA LYS B 301 6.06 9.28 0.05
C LYS B 301 5.29 7.97 -0.13
N ARG B 302 4.62 7.83 -1.27
CA ARG B 302 4.00 6.56 -1.63
C ARG B 302 5.02 5.69 -2.38
N TRP B 303 5.02 4.40 -2.03
CA TRP B 303 6.02 3.47 -2.57
C TRP B 303 6.04 3.44 -4.10
N GLU B 304 4.91 3.77 -4.73
CA GLU B 304 4.81 3.81 -6.18
C GLU B 304 5.88 4.72 -6.80
N ARG B 305 6.33 5.74 -6.07
CA ARG B 305 7.34 6.66 -6.58
C ARG B 305 8.63 5.92 -6.98
N PHE B 306 8.92 4.80 -6.34
CA PHE B 306 10.17 4.08 -6.59
C PHE B 306 10.05 3.00 -7.65
N VAL B 307 8.89 2.86 -8.29
CA VAL B 307 8.66 1.81 -9.26
C VAL B 307 8.92 2.34 -10.66
N HIS B 308 9.56 1.53 -11.49
CA HIS B 308 9.84 1.89 -12.86
C HIS B 308 9.85 0.62 -13.70
N SER B 309 9.97 0.80 -15.03
CA SER B 309 9.83 -0.33 -15.97
C SER B 309 10.83 -1.46 -15.69
N GLU B 310 11.97 -1.17 -15.08
CA GLU B 310 13.05 -2.13 -14.99
C GLU B 310 13.03 -2.92 -13.68
N ASN B 311 12.21 -2.52 -12.70
CA ASN B 311 12.07 -3.25 -11.43
C ASN B 311 10.65 -3.70 -11.13
N GLN B 312 9.66 -3.33 -11.94
CA GLN B 312 8.27 -3.59 -11.62
C GLN B 312 7.91 -5.08 -11.61
N HIS B 313 8.69 -5.93 -12.27
CA HIS B 313 8.36 -7.35 -12.20
C HIS B 313 8.50 -7.89 -10.78
N LEU B 314 9.30 -7.24 -9.93
CA LEU B 314 9.54 -7.66 -8.55
C LEU B 314 8.60 -7.01 -7.57
N VAL B 315 7.73 -6.12 -8.04
CA VAL B 315 6.89 -5.28 -7.20
C VAL B 315 5.43 -5.69 -7.36
N SER B 316 4.70 -5.67 -6.26
CA SER B 316 3.31 -6.07 -6.23
C SER B 316 2.65 -5.42 -5.02
N PRO B 317 1.32 -5.36 -4.99
CA PRO B 317 0.67 -4.80 -3.79
C PRO B 317 1.07 -5.53 -2.52
N GLU B 318 1.23 -6.84 -2.61
CA GLU B 318 1.64 -7.63 -1.46
C GLU B 318 3.05 -7.24 -0.97
N ALA B 319 4.00 -7.11 -1.89
CA ALA B 319 5.36 -6.73 -1.50
C ALA B 319 5.39 -5.33 -0.89
N LEU B 320 4.57 -4.42 -1.42
CA LEU B 320 4.59 -3.06 -0.91
C LEU B 320 3.92 -2.99 0.46
N ASP B 321 2.83 -3.73 0.66
CA ASP B 321 2.21 -3.75 1.98
C ASP B 321 3.15 -4.36 3.01
N PHE B 322 3.83 -5.45 2.64
CA PHE B 322 4.80 -6.08 3.55
C PHE B 322 5.91 -5.11 3.92
N LEU B 323 6.58 -4.54 2.91
CA LEU B 323 7.61 -3.55 3.16
C LEU B 323 7.13 -2.44 4.09
N ASP B 324 5.94 -1.90 3.83
CA ASP B 324 5.44 -0.77 4.61
C ASP B 324 5.38 -1.12 6.09
N LYS B 325 5.02 -2.36 6.43
CA LYS B 325 4.89 -2.81 7.80
C LYS B 325 6.22 -3.17 8.46
N LEU B 326 7.33 -3.20 7.72
CA LEU B 326 8.65 -3.38 8.32
C LEU B 326 9.34 -2.07 8.62
N LEU B 327 9.28 -1.14 7.68
CA LEU B 327 10.05 0.11 7.73
C LEU B 327 9.27 1.20 8.45
N ARG B 328 9.17 1.07 9.78
CA ARG B 328 8.57 2.12 10.61
C ARG B 328 9.59 2.69 11.60
N TYR B 329 9.37 3.94 11.99
CA TYR B 329 10.25 4.59 12.97
C TYR B 329 10.11 3.92 14.33
N ASP B 330 8.89 3.91 14.86
CA ASP B 330 8.58 3.28 16.15
C ASP B 330 8.87 1.80 16.10
N HIS B 331 9.97 1.38 16.74
CA HIS B 331 10.36 -0.03 16.72
C HIS B 331 9.28 -0.95 17.28
N GLN B 332 8.48 -0.50 18.26
CA GLN B 332 7.43 -1.37 18.75
C GLN B 332 6.38 -1.67 17.70
N SER B 333 6.25 -0.86 16.65
CA SER B 333 5.19 -1.08 15.68
C SER B 333 5.69 -1.76 14.39
N ARG B 334 6.92 -2.25 14.38
CA ARG B 334 7.39 -3.07 13.27
C ARG B 334 6.89 -4.50 13.46
N LEU B 335 6.68 -5.19 12.34
CA LEU B 335 6.30 -6.59 12.44
C LEU B 335 7.39 -7.38 13.15
N THR B 336 6.97 -8.36 13.94
CA THR B 336 7.95 -9.36 14.36
C THR B 336 8.21 -10.33 13.22
N ALA B 337 9.32 -11.07 13.35
CA ALA B 337 9.68 -12.07 12.36
C ALA B 337 8.53 -13.06 12.14
N ARG B 338 7.97 -13.59 13.22
CA ARG B 338 6.87 -14.55 13.06
C ARG B 338 5.68 -13.89 12.39
N GLU B 339 5.36 -12.66 12.80
CA GLU B 339 4.30 -11.93 12.14
C GLU B 339 4.59 -11.76 10.66
N ALA B 340 5.84 -11.48 10.31
CA ALA B 340 6.20 -11.36 8.90
C ALA B 340 5.99 -12.66 8.13
N MET B 341 6.18 -13.80 8.77
CA MET B 341 6.06 -15.06 8.05
C MET B 341 4.62 -15.40 7.74
N GLU B 342 3.69 -14.79 8.44
CA GLU B 342 2.27 -15.01 8.20
C GLU B 342 1.67 -13.97 7.27
N HIS B 343 2.48 -13.02 6.80
CA HIS B 343 2.02 -12.06 5.82
C HIS B 343 1.61 -12.76 4.52
N PRO B 344 0.66 -12.18 3.77
CA PRO B 344 0.24 -12.81 2.50
C PRO B 344 1.34 -12.89 1.44
N TYR B 345 2.34 -11.99 1.48
CA TYR B 345 3.44 -12.01 0.52
C TYR B 345 4.08 -13.38 0.38
N PHE B 346 4.03 -14.20 1.43
CA PHE B 346 4.67 -15.52 1.43
C PHE B 346 3.67 -16.67 1.24
N TYR B 347 2.37 -16.38 1.08
CA TYR B 347 1.38 -17.45 0.94
C TYR B 347 1.81 -18.50 -0.07
N THR B 348 2.53 -18.12 -1.11
CA THR B 348 2.94 -19.10 -2.10
C THR B 348 4.08 -19.98 -1.60
N VAL B 349 5.13 -19.40 -1.01
CA VAL B 349 6.23 -20.25 -0.58
C VAL B 349 5.81 -21.12 0.59
N VAL B 350 4.83 -20.69 1.39
CA VAL B 350 4.38 -21.50 2.51
C VAL B 350 3.65 -22.74 2.03
N LYS B 351 2.83 -22.59 0.98
CA LYS B 351 2.13 -23.73 0.39
C LYS B 351 3.11 -24.65 -0.36
N ASP B 352 4.20 -24.08 -0.92
CA ASP B 352 5.19 -24.86 -1.64
C ASP B 352 6.04 -25.70 -0.72
N GLN B 353 6.13 -25.34 0.56
CA GLN B 353 6.81 -26.17 1.55
C GLN B 353 5.83 -27.23 2.08
N ALA B 354 5.35 -28.06 1.15
CA ALA B 354 4.38 -29.11 1.44
C ALA B 354 4.16 -29.98 0.20
S SO4 C . -25.05 22.05 -14.25
O1 SO4 C . -25.50 23.03 -15.25
O2 SO4 C . -23.67 21.67 -14.61
O3 SO4 C . -25.06 22.68 -12.92
O4 SO4 C . -25.93 20.85 -14.15
C10 A1I92 D . -24.31 -1.24 -5.65
C13 A1I92 D . -24.63 0.12 -3.28
C15 A1I92 D . -27.13 0.62 -3.76
C17 A1I92 D . -28.94 0.81 -5.47
C22 A1I92 D . -33.24 3.30 -6.31
C24 A1I92 D . -35.19 4.83 -6.98
C01 A1I92 D . -22.63 -5.01 -4.49
C03 A1I92 D . -21.49 -2.97 -4.76
C04 A1I92 D . -20.26 -3.51 -5.09
C05 A1I92 D . -19.39 -2.77 -5.85
C06 A1I92 D . -19.77 -1.50 -6.28
C07 A1I92 D . -20.99 -0.97 -5.95
C08 A1I92 D . -21.90 -1.68 -5.17
C09 A1I92 D . -23.21 -1.12 -4.82
C11 A1I92 D . -25.57 -0.69 -5.32
C12 A1I92 D . -25.76 0.00 -4.13
C14 A1I92 D . -23.39 -0.43 -3.62
C18 A1I92 D . -29.70 2.11 -5.21
C19 A1I92 D . -31.21 2.09 -5.55
C23 A1I92 D . -33.91 4.66 -6.13
C25 A1I92 D . -35.65 3.50 -7.61
C27 A1I92 D . -35.73 3.73 -10.11
C29 A1I92 D . -34.64 4.84 -11.85
C30 A1I92 D . -34.07 6.03 -12.31
C31 A1I92 D . -33.51 6.11 -13.53
C32 A1I92 D . -33.47 4.97 -14.37
C33 A1I92 D . -34.01 3.77 -13.95
C34 A1I92 D . -34.60 3.67 -12.68
C35 A1I92 D . -35.17 2.47 -12.18
C36 A1I92 D . -35.76 2.46 -10.88
C37 A1I92 D . -36.34 1.24 -10.39
C38 A1I92 D . -36.32 0.10 -11.21
C40 A1I92 D . -35.21 1.25 -12.94
C41 A1I92 D . -32.87 7.38 -14.04
N16 A1I92 D . -28.37 0.08 -4.31
N21 A1I92 D . -31.82 3.26 -5.97
N26 A1I92 D . -36.34 3.66 -8.84
N28 A1I92 D . -35.21 4.83 -10.55
N39 A1I92 D . -35.76 0.08 -12.48
O02 A1I92 D . -22.36 -3.69 -4.00
O20 A1I92 D . -31.87 1.07 -5.45
O42 A1I92 D . -33.12 8.42 -13.39
O43 A1I92 D . -32.13 7.28 -15.03
S SO4 E . -39.99 21.39 -27.26
O1 SO4 E . -38.76 20.70 -26.84
O2 SO4 E . -41.00 21.32 -26.19
O3 SO4 E . -39.69 22.80 -27.52
O4 SO4 E . -40.53 20.76 -28.47
S SO4 F . -45.65 22.51 -24.66
O1 SO4 F . -45.42 21.95 -23.32
O2 SO4 F . -46.69 21.71 -25.33
O3 SO4 F . -46.03 23.93 -24.49
O4 SO4 F . -44.42 22.49 -25.46
S SO4 G . 29.14 -3.64 21.47
O1 SO4 G . 29.45 -2.24 21.17
O2 SO4 G . 27.73 -3.73 21.89
O3 SO4 G . 29.42 -4.44 20.26
O4 SO4 G . 29.96 -4.06 22.61
C10 A1I92 H . 20.98 -10.57 -1.45
C13 A1I92 H . 22.60 -12.41 -0.24
C15 A1I92 H . 24.66 -11.38 -1.19
C17 A1I92 H . 26.77 -11.81 -0.22
C22 A1I92 H . 31.24 -12.62 1.45
C24 A1I92 H . 33.30 -13.28 2.79
C01 A1I92 H . 18.12 -13.47 -3.40
C03 A1I92 H . 18.08 -12.06 -1.55
C04 A1I92 H . 16.69 -12.17 -1.44
C05 A1I92 H . 16.09 -11.88 -0.22
C06 A1I92 H . 16.90 -11.48 0.86
C07 A1I92 H . 18.30 -11.37 0.73
C08 A1I92 H . 18.93 -11.66 -0.48
C09 A1I92 H . 20.40 -11.55 -0.66
C11 A1I92 H . 22.36 -10.51 -1.63
C12 A1I92 H . 23.19 -11.44 -1.02
C14 A1I92 H . 21.24 -12.47 -0.07
C18 A1I92 H . 27.46 -12.40 0.95
C19 A1I92 H . 28.88 -12.69 0.69
C23 A1I92 H . 32.09 -12.35 2.64
C25 A1I92 H . 33.08 -14.63 2.18
C27 A1I92 H . 32.97 -16.22 4.17
C29 A1I92 H . 32.20 -16.28 6.40
C30 A1I92 H . 32.06 -15.63 7.63
C31 A1I92 H . 31.44 -16.24 8.68
C32 A1I92 H . 30.92 -17.52 8.55
C33 A1I92 H . 31.05 -18.19 7.37
C34 A1I92 H . 31.68 -17.58 6.27
C35 A1I92 H . 31.82 -18.25 5.00
C36 A1I92 H . 32.46 -17.59 3.93
C37 A1I92 H . 32.59 -18.28 2.70
C38 A1I92 H . 32.08 -19.58 2.57
C40 A1I92 H . 31.34 -19.59 4.76
C41 A1I92 H . 31.26 -15.54 10.00
N16 A1I92 H . 25.47 -12.33 -0.48
N21 A1I92 H . 29.82 -12.34 1.65
N26 A1I92 H . 33.62 -15.67 3.00
N28 A1I92 H . 32.85 -15.59 5.34
N39 A1I92 H . 31.47 -20.24 3.59
O02 A1I92 H . 18.68 -12.35 -2.74
O20 A1I92 H . 29.20 -13.25 -0.34
O42 A1I92 H . 30.40 -16.02 10.78
O43 A1I92 H . 31.96 -14.51 10.14
S SO4 I . 41.58 -17.24 26.80
O1 SO4 I . 41.94 -16.62 28.09
O2 SO4 I . 40.11 -17.34 26.71
O3 SO4 I . 42.08 -16.40 25.70
O4 SO4 I . 42.19 -18.57 26.69
S SO4 J . 9.47 17.04 0.17
O1 SO4 J . 9.71 18.49 0.13
O2 SO4 J . 8.44 16.72 1.17
O3 SO4 J . 8.94 16.56 -1.11
O4 SO4 J . 10.74 16.36 0.47
#